data_3N93
#
_entry.id   3N93
#
_cell.length_a   54.278
_cell.length_b   208.513
_cell.length_c   212.550
_cell.angle_alpha   90.000
_cell.angle_beta   90.000
_cell.angle_gamma   90.000
#
_symmetry.space_group_name_H-M   'C 2 2 21'
#
loop_
_entity.id
_entity.type
_entity.pdbx_description
1 polymer 'Maltose binding protein-CRFR2 alpha'
2 polymer Urocortin-3
3 branched alpha-D-glucopyranose-(1-4)-alpha-D-glucopyranose
4 non-polymer GLYCEROL
5 water water
#
loop_
_entity_poly.entity_id
_entity_poly.type
_entity_poly.pdbx_seq_one_letter_code
_entity_poly.pdbx_strand_id
1 'polypeptide(L)'
;MAKIEEGKLVIWINGDKGYNGLAEVGKKFEKDTGIKVTVEHPDKLEEKFPQVAATGDGPDIIFWAHDRFGGYAQSGLLAE
ITPDKAFQDKLYPFTWDAVRYNGKLIAYPIAVEALSLIYNKDLLPNPPKTWEEIPALDKELKAKGKSALMFNLQEPYFTW
PLIAADGGYAFKYENGKYDIKDVGVDNAGAKAGLTFLVDLIKNKHMNADTDYSIAEAAFNKGETAMTINGPWAWSNIDTS
KVNYGVTVLPTFKGQPSKPFVGVLSAGINAASPNKELAKEFLENYLLTDEGLEAVNKDKPLGAVALKSYEEELAKDPRIA
ATMENAQKGEIMPNIPQMSAFWYAVRTAVINAASGRQTVDEALKDAQTNAAAEFAALLHSLLEANCSLALAEELLLDGWG
PPLDPEGPYSYCNTTLDQIGTCWPRSAAGALVERPCPEYFNGVKYNTTRNAYRECLENGTWASKINYSQCEPILDDHHHH
HH
;
A,B
2 'polypeptide(L)' NLRAQAAANAHLMAQI(NH2) C
#
loop_
_chem_comp.id
_chem_comp.type
_chem_comp.name
_chem_comp.formula
GLC D-saccharide, alpha linking alpha-D-glucopyranose 'C6 H12 O6'
GOL non-polymer GLYCEROL 'C3 H8 O3'
NH2 non-polymer 'AMINO GROUP' 'H2 N'
#
# COMPACT_ATOMS: atom_id res chain seq x y z
N LYS A 3 -4.59 -5.83 -2.13
CA LYS A 3 -5.80 -5.27 -1.47
C LYS A 3 -6.39 -6.25 -0.43
N ILE A 4 -6.45 -5.80 0.82
CA ILE A 4 -7.01 -6.60 1.91
C ILE A 4 -8.51 -6.31 2.03
N GLU A 5 -9.32 -7.36 2.00
CA GLU A 5 -10.77 -7.18 2.02
C GLU A 5 -11.29 -6.65 3.35
N GLU A 6 -12.09 -5.59 3.29
CA GLU A 6 -12.66 -4.97 4.49
C GLU A 6 -13.88 -5.74 4.99
N GLY A 7 -13.92 -6.00 6.29
CA GLY A 7 -15.05 -6.70 6.91
C GLY A 7 -14.76 -8.17 7.17
N LYS A 8 -13.49 -8.53 7.09
CA LYS A 8 -13.02 -9.88 7.44
C LYS A 8 -11.60 -9.82 8.00
N LEU A 9 -11.08 -10.94 8.46
CA LEU A 9 -9.71 -11.01 8.93
C LEU A 9 -9.00 -12.19 8.29
N VAL A 10 -7.84 -11.93 7.71
CA VAL A 10 -6.98 -13.00 7.25
C VAL A 10 -5.83 -13.09 8.24
N ILE A 11 -5.53 -14.29 8.70
CA ILE A 11 -4.46 -14.49 9.64
C ILE A 11 -3.42 -15.45 9.06
N TRP A 12 -2.15 -15.09 9.16
CA TRP A 12 -1.04 -15.99 8.79
C TRP A 12 -0.31 -16.50 10.04
N ILE A 13 -0.19 -17.81 10.14
CA ILE A 13 0.61 -18.48 11.18
C ILE A 13 1.37 -19.63 10.51
N ASN A 14 2.41 -20.14 11.16
CA ASN A 14 3.24 -21.22 10.58
C ASN A 14 2.57 -22.59 10.68
N GLY A 15 2.75 -23.41 9.65
CA GLY A 15 2.24 -24.77 9.59
C GLY A 15 2.54 -25.71 10.76
N ASP A 16 3.58 -25.40 11.53
CA ASP A 16 3.90 -26.20 12.70
C ASP A 16 3.04 -25.85 13.93
N LYS A 17 2.47 -24.64 13.92
CA LYS A 17 1.67 -24.14 15.06
C LYS A 17 0.22 -24.63 15.02
N GLY A 18 -0.56 -24.28 16.03
CA GLY A 18 -1.93 -24.79 16.16
C GLY A 18 -2.95 -24.04 15.36
N TYR A 19 -2.80 -24.03 14.04
CA TYR A 19 -3.67 -23.21 13.22
C TYR A 19 -5.15 -23.61 13.21
N ASN A 20 -5.43 -24.88 13.48
CA ASN A 20 -6.82 -25.33 13.67
C ASN A 20 -7.44 -24.82 14.97
N GLY A 21 -6.64 -24.77 16.03
CA GLY A 21 -7.08 -24.25 17.32
C GLY A 21 -7.44 -22.79 17.17
N LEU A 22 -6.59 -22.08 16.45
CA LEU A 22 -6.77 -20.67 16.20
C LEU A 22 -8.00 -20.37 15.36
N ALA A 23 -8.30 -21.25 14.41
CA ALA A 23 -9.50 -21.09 13.60
C ALA A 23 -10.77 -21.32 14.42
N GLU A 24 -10.71 -22.22 15.41
CA GLU A 24 -11.83 -22.36 16.36
C GLU A 24 -12.04 -21.05 17.11
N VAL A 25 -10.95 -20.40 17.51
CA VAL A 25 -11.06 -19.09 18.16
C VAL A 25 -11.64 -18.11 17.18
N GLY A 26 -11.25 -18.23 15.91
CA GLY A 26 -11.87 -17.47 14.82
C GLY A 26 -13.37 -17.72 14.72
N LYS A 27 -13.79 -18.96 14.87
CA LYS A 27 -15.21 -19.32 14.78
C LYS A 27 -16.02 -18.64 15.86
N LYS A 28 -15.48 -18.58 17.08
CA LYS A 28 -16.16 -17.88 18.17
C LYS A 28 -16.28 -16.38 17.90
N PHE A 29 -15.28 -15.81 17.24
CA PHE A 29 -15.32 -14.39 16.93
C PHE A 29 -16.42 -14.10 15.90
N GLU A 30 -16.48 -14.93 14.87
CA GLU A 30 -17.53 -14.89 13.86
C GLU A 30 -18.93 -15.04 14.49
N LYS A 31 -19.09 -16.03 15.36
CA LYS A 31 -20.38 -16.25 16.02
C LYS A 31 -20.90 -14.96 16.69
N ASP A 32 -19.99 -14.23 17.37
CA ASP A 32 -20.36 -13.06 18.16
C ASP A 32 -20.54 -11.80 17.29
N THR A 33 -19.68 -11.64 16.29
CA THR A 33 -19.56 -10.40 15.51
C THR A 33 -20.03 -10.49 14.05
N GLY A 34 -20.20 -11.71 13.55
CA GLY A 34 -20.60 -11.93 12.17
C GLY A 34 -19.44 -11.79 11.19
N ILE A 35 -18.23 -11.71 11.71
CA ILE A 35 -17.03 -11.44 10.94
C ILE A 35 -16.25 -12.72 10.65
N LYS A 36 -16.14 -13.05 9.37
CA LYS A 36 -15.40 -14.23 8.91
C LYS A 36 -13.91 -14.07 9.20
N VAL A 37 -13.31 -15.10 9.80
CA VAL A 37 -11.90 -15.08 10.12
C VAL A 37 -11.24 -16.26 9.39
N THR A 38 -10.25 -15.99 8.55
CA THR A 38 -9.59 -17.05 7.78
C THR A 38 -8.17 -17.25 8.24
N VAL A 39 -7.86 -18.46 8.69
CA VAL A 39 -6.49 -18.77 9.11
C VAL A 39 -5.77 -19.53 7.99
N GLU A 40 -4.59 -19.02 7.63
CA GLU A 40 -3.76 -19.62 6.60
C GLU A 40 -2.34 -19.85 7.14
N HIS A 41 -1.68 -20.86 6.57
CA HIS A 41 -0.30 -21.15 6.91
C HIS A 41 0.53 -21.40 5.66
N PRO A 42 0.88 -20.33 4.92
CA PRO A 42 1.70 -20.47 3.71
C PRO A 42 3.14 -20.88 4.07
N ASP A 43 3.82 -21.54 3.14
CA ASP A 43 5.25 -21.85 3.31
C ASP A 43 6.09 -20.57 3.26
N LYS A 44 7.17 -20.53 4.02
CA LYS A 44 8.08 -19.38 4.01
C LYS A 44 7.33 -18.07 4.30
N LEU A 45 6.51 -18.04 5.34
CA LEU A 45 5.63 -16.88 5.52
C LEU A 45 6.39 -15.64 6.02
N GLU A 46 7.43 -15.86 6.82
CA GLU A 46 8.28 -14.81 7.34
C GLU A 46 9.01 -14.03 6.25
N GLU A 47 9.30 -14.68 5.12
CA GLU A 47 9.91 -14.04 3.97
C GLU A 47 8.84 -13.51 3.04
N LYS A 48 7.69 -14.20 3.00
CA LYS A 48 6.62 -13.86 2.08
C LYS A 48 5.83 -12.64 2.55
N PHE A 49 5.64 -12.52 3.86
CA PHE A 49 4.92 -11.37 4.43
C PHE A 49 5.57 -10.02 4.06
N PRO A 50 6.90 -9.87 4.22
CA PRO A 50 7.46 -8.58 3.80
C PRO A 50 7.36 -8.29 2.30
N GLN A 51 7.20 -9.32 1.47
CA GLN A 51 7.07 -9.10 0.02
C GLN A 51 5.69 -8.54 -0.35
N VAL A 52 4.66 -9.13 0.24
CA VAL A 52 3.29 -8.80 -0.11
C VAL A 52 2.77 -7.58 0.64
N ALA A 53 3.17 -7.45 1.92
CA ALA A 53 2.70 -6.34 2.74
C ALA A 53 3.30 -5.03 2.27
N ALA A 54 4.55 -5.08 1.83
CA ALA A 54 5.27 -3.92 1.31
C ALA A 54 4.53 -3.19 0.21
N THR A 55 3.57 -3.88 -0.42
CA THR A 55 2.76 -3.33 -1.52
C THR A 55 1.29 -3.16 -1.13
N GLY A 56 0.98 -3.36 0.16
CA GLY A 56 -0.37 -3.16 0.65
C GLY A 56 -1.29 -4.38 0.57
N ASP A 57 -0.68 -5.55 0.35
CA ASP A 57 -1.41 -6.81 0.29
C ASP A 57 -1.09 -7.64 1.54
N GLY A 58 -1.60 -8.87 1.57
CA GLY A 58 -1.26 -9.81 2.63
C GLY A 58 -2.29 -9.88 3.75
N PRO A 59 -1.94 -10.55 4.87
CA PRO A 59 -2.85 -10.83 5.98
C PRO A 59 -3.13 -9.59 6.80
N ASP A 60 -4.23 -9.60 7.55
CA ASP A 60 -4.48 -8.54 8.54
C ASP A 60 -3.55 -8.76 9.74
N ILE A 61 -3.40 -10.02 10.12
CA ILE A 61 -2.56 -10.39 11.25
C ILE A 61 -1.54 -11.45 10.85
N ILE A 62 -0.28 -11.21 11.20
CA ILE A 62 0.77 -12.18 11.03
C ILE A 62 1.37 -12.63 12.36
N PHE A 63 1.68 -13.92 12.44
CA PHE A 63 2.22 -14.59 13.63
C PHE A 63 3.61 -15.15 13.34
N TRP A 64 4.56 -14.83 14.22
CA TRP A 64 5.92 -15.32 14.11
C TRP A 64 6.63 -14.94 15.39
N ALA A 65 7.75 -15.60 15.66
CA ALA A 65 8.62 -15.24 16.77
C ALA A 65 8.99 -13.77 16.59
N HIS A 66 9.19 -13.07 17.70
CA HIS A 66 9.41 -11.64 17.69
C HIS A 66 10.63 -11.18 16.89
N ASP A 67 11.62 -12.06 16.66
CA ASP A 67 12.87 -11.64 16.00
C ASP A 67 12.71 -10.97 14.61
N ARG A 68 11.73 -11.40 13.82
CA ARG A 68 11.50 -10.84 12.48
C ARG A 68 10.73 -9.52 12.48
N PHE A 69 10.09 -9.21 13.60
CA PHE A 69 9.19 -8.05 13.72
C PHE A 69 9.88 -6.69 13.72
N GLY A 70 11.06 -6.63 14.36
CA GLY A 70 11.86 -5.42 14.31
C GLY A 70 12.08 -4.95 12.88
N GLY A 71 12.41 -5.90 11.99
CA GLY A 71 12.62 -5.61 10.57
C GLY A 71 11.35 -5.20 9.83
N TYR A 72 10.24 -5.85 10.15
CA TYR A 72 8.94 -5.43 9.62
C TYR A 72 8.59 -4.00 10.05
N ALA A 73 8.76 -3.70 11.34
CA ALA A 73 8.45 -2.37 11.89
C ALA A 73 9.33 -1.28 11.31
N GLN A 74 10.62 -1.58 11.14
CA GLN A 74 11.54 -0.66 10.49
C GLN A 74 11.07 -0.32 9.07
N SER A 75 10.65 -1.35 8.31
CA SER A 75 10.14 -1.17 6.94
C SER A 75 8.77 -0.46 6.85
N GLY A 76 8.05 -0.35 7.98
CA GLY A 76 6.74 0.31 8.02
C GLY A 76 5.52 -0.62 7.86
N LEU A 77 5.72 -1.92 8.10
CA LEU A 77 4.69 -2.91 7.77
C LEU A 77 3.71 -3.21 8.89
N LEU A 78 4.00 -2.74 10.09
CA LEU A 78 3.15 -3.00 11.24
C LEU A 78 2.51 -1.74 11.80
N ALA A 79 1.23 -1.84 12.15
CA ALA A 79 0.56 -0.80 12.91
C ALA A 79 1.06 -0.81 14.36
N GLU A 80 1.15 0.37 14.96
CA GLU A 80 1.49 0.46 16.37
C GLU A 80 0.28 -0.02 17.15
N ILE A 81 0.48 -0.84 18.17
CA ILE A 81 -0.68 -1.35 18.87
C ILE A 81 -1.05 -0.48 20.08
N THR A 82 -2.35 -0.44 20.38
CA THR A 82 -2.86 0.40 21.46
C THR A 82 -3.51 -0.43 22.57
N PRO A 83 -2.71 -1.23 23.31
CA PRO A 83 -3.30 -1.89 24.48
C PRO A 83 -3.41 -0.95 25.66
N ASP A 84 -4.48 -1.08 26.45
CA ASP A 84 -4.61 -0.25 27.65
C ASP A 84 -3.85 -0.82 28.87
N LYS A 85 -3.85 -0.06 29.96
CA LYS A 85 -3.06 -0.40 31.13
C LYS A 85 -3.44 -1.78 31.69
N ALA A 86 -4.73 -1.98 31.89
CA ALA A 86 -5.28 -3.23 32.40
C ALA A 86 -4.91 -4.41 31.54
N PHE A 87 -4.86 -4.20 30.23
CA PHE A 87 -4.50 -5.28 29.35
C PHE A 87 -3.01 -5.57 29.48
N GLN A 88 -2.21 -4.50 29.59
CA GLN A 88 -0.77 -4.64 29.73
C GLN A 88 -0.37 -5.38 31.00
N ASP A 89 -1.08 -5.12 32.10
CA ASP A 89 -0.80 -5.80 33.35
C ASP A 89 -1.17 -7.29 33.25
N LYS A 90 -1.92 -7.67 32.24
CA LYS A 90 -2.32 -9.06 32.05
C LYS A 90 -1.22 -9.99 31.52
N LEU A 91 -0.18 -9.41 30.92
CA LEU A 91 0.93 -10.21 30.36
C LEU A 91 2.28 -9.88 31.01
N TYR A 92 3.15 -10.88 31.12
CA TYR A 92 4.48 -10.66 31.71
C TYR A 92 5.20 -9.48 31.05
N PRO A 93 5.77 -8.58 31.86
CA PRO A 93 6.52 -7.43 31.32
C PRO A 93 7.64 -7.81 30.35
N PHE A 94 8.36 -8.92 30.61
CA PHE A 94 9.48 -9.29 29.73
C PHE A 94 8.98 -9.71 28.36
N THR A 95 7.74 -10.17 28.26
CA THR A 95 7.15 -10.52 26.95
C THR A 95 6.79 -9.24 26.17
N TRP A 96 6.34 -8.20 26.86
CA TRP A 96 6.15 -6.89 26.19
C TRP A 96 7.50 -6.34 25.70
N ASP A 97 8.57 -6.56 26.46
CA ASP A 97 9.88 -6.07 26.04
C ASP A 97 10.30 -6.58 24.68
N ALA A 98 9.99 -7.84 24.41
CA ALA A 98 10.39 -8.50 23.18
C ALA A 98 9.67 -7.99 21.93
N VAL A 99 8.53 -7.31 22.09
CA VAL A 99 7.80 -6.77 20.95
C VAL A 99 7.88 -5.27 20.93
N ARG A 100 8.92 -4.74 21.58
CA ARG A 100 9.14 -3.31 21.61
C ARG A 100 10.19 -2.98 20.57
N TYR A 101 9.89 -2.00 19.73
CA TYR A 101 10.84 -1.54 18.74
C TYR A 101 10.80 -0.02 18.69
N ASN A 102 11.96 0.62 18.77
CA ASN A 102 12.01 2.08 18.82
C ASN A 102 11.05 2.70 19.87
N GLY A 103 10.91 2.03 21.01
CA GLY A 103 10.07 2.52 22.09
C GLY A 103 8.58 2.39 21.83
N LYS A 104 8.21 1.68 20.77
CA LYS A 104 6.80 1.47 20.40
C LYS A 104 6.44 0.01 20.50
N LEU A 105 5.22 -0.28 20.98
CA LEU A 105 4.71 -1.66 20.94
C LEU A 105 4.19 -1.99 19.55
N ILE A 106 4.77 -3.01 18.94
CA ILE A 106 4.49 -3.36 17.53
C ILE A 106 3.85 -4.75 17.31
N ALA A 107 3.43 -5.41 18.40
CA ALA A 107 2.78 -6.72 18.30
C ALA A 107 2.33 -7.21 19.67
N TYR A 108 1.46 -8.20 19.67
CA TYR A 108 1.02 -8.82 20.90
C TYR A 108 1.85 -10.06 21.14
N PRO A 109 2.49 -10.16 22.31
CA PRO A 109 3.19 -11.39 22.66
C PRO A 109 2.17 -12.49 22.97
N ILE A 110 2.44 -13.71 22.51
CA ILE A 110 1.54 -14.83 22.73
C ILE A 110 2.18 -15.88 23.66
N ALA A 111 3.39 -16.33 23.34
CA ALA A 111 4.03 -17.35 24.15
C ALA A 111 5.54 -17.37 23.99
N VAL A 112 6.22 -17.92 24.99
CA VAL A 112 7.67 -18.04 24.95
C VAL A 112 8.04 -19.47 24.53
N GLU A 113 8.95 -19.55 23.56
CA GLU A 113 9.40 -20.81 22.95
C GLU A 113 10.90 -21.00 23.09
N ALA A 114 11.29 -22.20 23.53
CA ALA A 114 12.67 -22.60 23.54
C ALA A 114 12.72 -24.08 23.15
N LEU A 115 13.78 -24.49 22.48
CA LEU A 115 13.95 -25.90 22.15
C LEU A 115 14.31 -26.67 23.40
N SER A 116 13.88 -27.92 23.47
CA SER A 116 14.37 -28.82 24.52
C SER A 116 14.85 -30.11 23.89
N LEU A 117 15.52 -30.93 24.69
CA LEU A 117 15.88 -32.27 24.28
C LEU A 117 14.67 -33.16 24.53
N ILE A 118 14.21 -33.86 23.50
CA ILE A 118 13.10 -34.79 23.65
C ILE A 118 13.65 -36.18 23.43
N TYR A 119 13.36 -37.08 24.35
CA TYR A 119 13.92 -38.40 24.30
C TYR A 119 12.89 -39.46 24.60
N ASN A 120 13.19 -40.67 24.12
CA ASN A 120 12.33 -41.83 24.25
C ASN A 120 12.68 -42.61 25.53
N LYS A 121 11.76 -42.60 26.50
CA LYS A 121 12.03 -43.21 27.82
C LYS A 121 12.31 -44.69 27.75
N ASP A 122 11.71 -45.37 26.78
CA ASP A 122 11.84 -46.82 26.67
C ASP A 122 13.20 -47.23 26.11
N LEU A 123 13.71 -46.45 25.17
CA LEU A 123 15.03 -46.67 24.60
C LEU A 123 16.15 -46.10 25.48
N LEU A 124 15.81 -45.04 26.21
CA LEU A 124 16.78 -44.27 26.99
C LEU A 124 16.20 -43.82 28.32
N PRO A 125 16.27 -44.68 29.35
CA PRO A 125 15.80 -44.30 30.68
C PRO A 125 16.48 -43.04 31.18
N ASN A 126 17.78 -42.92 30.92
CA ASN A 126 18.58 -41.79 31.37
C ASN A 126 19.22 -41.09 30.19
N PRO A 127 18.65 -39.97 29.75
CA PRO A 127 19.22 -39.27 28.62
C PRO A 127 20.57 -38.65 28.99
N PRO A 128 21.44 -38.45 27.99
CA PRO A 128 22.79 -37.97 28.22
C PRO A 128 22.82 -36.53 28.71
N LYS A 129 23.77 -36.21 29.59
CA LYS A 129 23.93 -34.84 30.08
C LYS A 129 24.80 -34.01 29.13
N THR A 130 25.55 -34.69 28.27
CA THR A 130 26.55 -34.04 27.41
C THR A 130 26.43 -34.41 25.93
N TRP A 131 26.78 -33.47 25.05
CA TRP A 131 26.89 -33.75 23.64
C TRP A 131 27.98 -34.78 23.35
N GLU A 132 29.07 -34.73 24.10
CA GLU A 132 30.24 -35.58 23.84
C GLU A 132 29.96 -37.08 23.98
N GLU A 133 28.93 -37.45 24.76
CA GLU A 133 28.68 -38.88 24.94
C GLU A 133 27.73 -39.46 23.88
N ILE A 134 27.29 -38.60 22.96
CA ILE A 134 26.33 -39.01 21.94
C ILE A 134 26.89 -40.01 20.93
N PRO A 135 28.12 -39.78 20.39
CA PRO A 135 28.69 -40.79 19.50
C PRO A 135 28.69 -42.21 20.07
N ALA A 136 29.14 -42.38 21.31
CA ALA A 136 29.23 -43.71 21.90
C ALA A 136 27.83 -44.30 22.06
N LEU A 137 26.90 -43.45 22.45
CA LEU A 137 25.51 -43.83 22.62
C LEU A 137 24.88 -44.26 21.28
N ASP A 138 25.22 -43.56 20.20
CA ASP A 138 24.72 -43.96 18.88
C ASP A 138 25.26 -45.35 18.48
N LYS A 139 26.52 -45.62 18.77
CA LYS A 139 27.12 -46.91 18.49
C LYS A 139 26.42 -48.00 19.31
N GLU A 140 26.13 -47.71 20.57
CA GLU A 140 25.34 -48.62 21.40
C GLU A 140 23.93 -48.80 20.84
N LEU A 141 23.34 -47.74 20.29
CA LEU A 141 21.99 -47.82 19.70
C LEU A 141 21.93 -48.47 18.30
N LYS A 142 22.96 -48.27 17.49
CA LYS A 142 23.06 -48.95 16.18
C LYS A 142 22.99 -50.47 16.33
N ALA A 143 23.68 -51.00 17.34
CA ALA A 143 23.58 -52.40 17.70
C ALA A 143 22.13 -52.88 17.99
N LYS A 144 21.20 -51.94 18.13
CA LYS A 144 19.80 -52.29 18.38
C LYS A 144 18.88 -51.88 17.21
N GLY A 145 19.46 -51.44 16.10
CA GLY A 145 18.69 -51.01 14.94
C GLY A 145 18.03 -49.66 15.11
N LYS A 146 18.58 -48.85 16.00
CA LYS A 146 18.05 -47.51 16.29
C LYS A 146 19.15 -46.48 16.10
N SER A 147 18.87 -45.22 16.36
CA SER A 147 19.93 -44.23 16.42
C SER A 147 19.73 -43.27 17.61
N ALA A 148 20.76 -42.50 17.93
CA ALA A 148 20.74 -41.70 19.15
C ALA A 148 19.91 -40.44 18.98
N LEU A 149 20.19 -39.69 17.91
CA LEU A 149 19.76 -38.31 17.78
C LEU A 149 19.45 -37.88 16.34
N MET A 150 18.24 -37.34 16.15
CA MET A 150 17.85 -36.76 14.87
C MET A 150 17.06 -35.51 15.09
N PHE A 151 17.48 -34.45 14.41
CA PHE A 151 16.76 -33.19 14.47
C PHE A 151 17.00 -32.47 13.17
N ASN A 152 16.20 -31.43 12.93
CA ASN A 152 16.27 -30.65 11.71
C ASN A 152 17.61 -29.94 11.51
N LEU A 153 18.33 -30.31 10.46
CA LEU A 153 19.62 -29.70 10.13
C LEU A 153 19.54 -28.59 9.10
N GLN A 154 18.33 -28.33 8.62
CA GLN A 154 18.15 -27.33 7.55
C GLN A 154 17.81 -25.92 8.09
N GLU A 155 17.54 -25.81 9.38
CA GLU A 155 17.21 -24.52 9.97
C GLU A 155 18.16 -24.22 11.13
N PRO A 156 18.88 -23.09 11.04
CA PRO A 156 19.96 -22.81 12.00
C PRO A 156 19.46 -22.74 13.45
N TYR A 157 18.23 -22.28 13.63
CA TYR A 157 17.55 -22.31 14.91
C TYR A 157 17.80 -23.59 15.70
N PHE A 158 17.80 -24.73 15.02
CA PHE A 158 17.96 -26.01 15.70
C PHE A 158 19.41 -26.31 16.13
N THR A 159 20.38 -25.76 15.40
CA THR A 159 21.78 -26.01 15.67
C THR A 159 22.41 -24.93 16.55
N TRP A 160 21.78 -23.77 16.57
CA TRP A 160 22.30 -22.63 17.31
C TRP A 160 22.66 -22.93 18.78
N PRO A 161 21.85 -23.73 19.48
CA PRO A 161 22.18 -23.97 20.90
C PRO A 161 23.58 -24.53 21.10
N LEU A 162 24.00 -25.41 20.20
CA LEU A 162 25.29 -26.06 20.26
C LEU A 162 26.40 -25.10 19.84
N ILE A 163 26.10 -24.27 18.84
CA ILE A 163 27.06 -23.28 18.35
C ILE A 163 27.35 -22.19 19.38
N ALA A 164 26.33 -21.82 20.14
CA ALA A 164 26.42 -20.80 21.18
C ALA A 164 27.04 -21.34 22.48
N ALA A 165 26.90 -22.65 22.69
CA ALA A 165 27.31 -23.30 23.93
C ALA A 165 28.65 -22.84 24.49
N ASP A 166 29.68 -22.91 23.64
CA ASP A 166 31.05 -22.68 24.08
C ASP A 166 31.57 -21.32 23.66
N GLY A 167 30.68 -20.40 23.32
CA GLY A 167 31.10 -19.04 23.06
C GLY A 167 30.53 -18.33 21.85
N GLY A 168 29.86 -19.05 20.95
CA GLY A 168 29.28 -18.42 19.76
C GLY A 168 28.14 -17.49 20.13
N TYR A 169 28.03 -16.36 19.43
CA TYR A 169 26.91 -15.44 19.65
C TYR A 169 26.54 -14.70 18.36
N ALA A 170 25.35 -14.11 18.34
CA ALA A 170 24.93 -13.31 17.20
C ALA A 170 25.61 -11.95 17.27
N PHE A 171 24.95 -10.99 17.93
CA PHE A 171 25.45 -9.64 18.10
C PHE A 171 25.73 -9.37 19.57
N LYS A 172 26.90 -8.85 19.87
CA LYS A 172 27.27 -8.60 21.26
C LYS A 172 26.37 -7.57 21.90
N TYR A 173 25.87 -7.88 23.08
CA TYR A 173 25.00 -6.98 23.81
C TYR A 173 25.73 -6.29 24.96
N GLU A 174 25.71 -4.96 24.95
CA GLU A 174 26.15 -4.16 26.10
C GLU A 174 25.71 -2.70 25.95
N ASN A 175 25.93 -1.91 27.01
CA ASN A 175 25.44 -0.54 27.08
C ASN A 175 23.92 -0.49 26.85
N GLY A 176 23.25 -1.63 27.10
CA GLY A 176 21.81 -1.77 26.83
C GLY A 176 21.47 -1.96 25.36
N LYS A 177 22.49 -2.03 24.51
CA LYS A 177 22.31 -2.12 23.05
C LYS A 177 23.10 -3.22 22.39
N TYR A 178 22.64 -3.64 21.21
CA TYR A 178 23.35 -4.58 20.37
C TYR A 178 24.37 -3.85 19.51
N ASP A 179 25.58 -4.39 19.45
CA ASP A 179 26.61 -3.85 18.59
C ASP A 179 26.63 -4.66 17.29
N ILE A 180 26.18 -4.03 16.21
CA ILE A 180 26.07 -4.70 14.93
C ILE A 180 27.42 -4.86 14.25
N LYS A 181 28.45 -4.23 14.81
CA LYS A 181 29.81 -4.42 14.34
C LYS A 181 30.50 -5.57 15.07
N ASP A 182 29.86 -6.12 16.08
CA ASP A 182 30.46 -7.18 16.89
C ASP A 182 29.65 -8.47 16.72
N VAL A 183 30.06 -9.27 15.73
CA VAL A 183 29.35 -10.49 15.37
C VAL A 183 30.21 -11.65 15.81
N GLY A 184 29.60 -12.63 16.47
CA GLY A 184 30.37 -13.70 17.08
C GLY A 184 30.05 -15.05 16.48
N VAL A 185 30.02 -15.11 15.16
CA VAL A 185 29.61 -16.32 14.49
C VAL A 185 30.82 -17.11 13.98
N ASP A 186 31.99 -16.47 14.04
CA ASP A 186 33.21 -17.09 13.57
C ASP A 186 34.27 -17.17 14.67
N ASN A 187 33.87 -17.01 15.93
CA ASN A 187 34.82 -17.14 17.03
C ASN A 187 35.12 -18.62 17.36
N ALA A 188 36.02 -18.83 18.31
CA ALA A 188 36.50 -20.16 18.67
C ALA A 188 35.35 -21.05 19.15
N GLY A 189 34.41 -20.44 19.88
CA GLY A 189 33.27 -21.15 20.42
C GLY A 189 32.29 -21.62 19.36
N ALA A 190 32.06 -20.78 18.34
CA ALA A 190 31.17 -21.12 17.25
C ALA A 190 31.82 -22.20 16.40
N LYS A 191 33.10 -22.03 16.07
CA LYS A 191 33.90 -23.05 15.40
C LYS A 191 33.84 -24.41 16.07
N ALA A 192 33.92 -24.47 17.39
CA ALA A 192 34.01 -25.76 18.04
C ALA A 192 32.67 -26.48 17.97
N GLY A 193 31.58 -25.75 18.21
CA GLY A 193 30.23 -26.31 18.17
C GLY A 193 29.87 -26.88 16.81
N LEU A 194 30.05 -26.08 15.77
CA LEU A 194 29.78 -26.58 14.43
C LEU A 194 30.69 -27.76 14.05
N THR A 195 31.96 -27.73 14.47
CA THR A 195 32.88 -28.84 14.22
C THR A 195 32.38 -30.13 14.86
N PHE A 196 32.02 -30.08 16.13
CA PHE A 196 31.37 -31.22 16.74
C PHE A 196 30.21 -31.75 15.88
N LEU A 197 29.31 -30.86 15.44
CA LEU A 197 28.17 -31.24 14.61
C LEU A 197 28.58 -31.91 13.31
N VAL A 198 29.55 -31.30 12.61
CA VAL A 198 30.08 -31.83 11.37
C VAL A 198 30.76 -33.19 11.58
N ASP A 199 31.49 -33.34 12.69
CA ASP A 199 32.09 -34.63 13.04
C ASP A 199 31.09 -35.75 13.31
N LEU A 200 29.97 -35.42 13.95
CA LEU A 200 28.89 -36.37 14.10
C LEU A 200 28.43 -36.92 12.74
N ILE A 201 28.36 -36.05 11.73
CA ILE A 201 27.97 -36.46 10.40
C ILE A 201 29.03 -37.34 9.72
N LYS A 202 30.31 -36.96 9.81
CA LYS A 202 31.39 -37.74 9.18
C LYS A 202 31.46 -39.18 9.72
N ASN A 203 31.13 -39.31 11.00
CA ASN A 203 31.15 -40.59 11.69
C ASN A 203 29.79 -41.25 11.64
N LYS A 204 28.91 -40.72 10.78
CA LYS A 204 27.64 -41.37 10.48
C LYS A 204 26.74 -41.56 11.71
N HIS A 205 26.79 -40.60 12.62
CA HIS A 205 25.82 -40.54 13.71
C HIS A 205 24.65 -39.66 13.31
N MET A 206 24.86 -38.79 12.31
CA MET A 206 23.76 -38.01 11.71
C MET A 206 23.86 -37.88 10.20
N ASN A 207 22.72 -37.61 9.57
CA ASN A 207 22.68 -37.39 8.14
C ASN A 207 22.48 -35.91 7.84
N ALA A 208 23.34 -35.36 6.99
CA ALA A 208 23.29 -33.95 6.59
C ALA A 208 21.94 -33.54 6.03
N ASP A 209 21.27 -34.47 5.35
CA ASP A 209 20.00 -34.17 4.68
C ASP A 209 18.78 -34.16 5.59
N THR A 210 18.96 -34.56 6.86
CA THR A 210 17.85 -34.65 7.83
C THR A 210 17.14 -33.31 7.99
N ASP A 211 15.82 -33.36 7.91
CA ASP A 211 15.00 -32.16 8.03
C ASP A 211 13.90 -32.33 9.06
N TYR A 212 13.08 -31.29 9.21
CA TYR A 212 12.06 -31.28 10.21
C TYR A 212 11.19 -32.54 10.17
N SER A 213 10.73 -32.92 8.98
CA SER A 213 9.76 -34.00 8.89
C SER A 213 10.40 -35.38 8.99
N ILE A 214 11.63 -35.52 8.48
CA ILE A 214 12.36 -36.76 8.64
C ILE A 214 12.65 -37.03 10.13
N ALA A 215 13.12 -36.01 10.85
CA ALA A 215 13.40 -36.15 12.29
C ALA A 215 12.15 -36.45 13.09
N GLU A 216 11.08 -35.69 12.85
CA GLU A 216 9.82 -35.89 13.55
C GLU A 216 9.27 -37.30 13.34
N ALA A 217 9.18 -37.75 12.08
CA ALA A 217 8.71 -39.11 11.79
C ALA A 217 9.62 -40.14 12.43
N ALA A 218 10.94 -39.92 12.37
CA ALA A 218 11.87 -40.90 12.94
C ALA A 218 11.75 -41.01 14.47
N PHE A 219 11.45 -39.90 15.14
CA PHE A 219 11.21 -39.95 16.58
C PHE A 219 9.85 -40.53 16.92
N ASN A 220 8.84 -40.12 16.17
CA ASN A 220 7.47 -40.50 16.49
C ASN A 220 7.21 -41.97 16.16
N LYS A 221 8.07 -42.53 15.33
CA LYS A 221 8.01 -43.94 14.95
C LYS A 221 8.91 -44.83 15.82
N GLY A 222 9.58 -44.26 16.81
CA GLY A 222 10.41 -45.05 17.73
C GLY A 222 11.77 -45.44 17.17
N GLU A 223 12.22 -44.76 16.11
CA GLU A 223 13.44 -45.17 15.40
C GLU A 223 14.70 -44.53 15.93
N THR A 224 14.53 -43.35 16.53
CA THR A 224 15.62 -42.58 17.10
C THR A 224 15.26 -42.25 18.55
N ALA A 225 16.24 -42.36 19.44
CA ALA A 225 15.96 -42.20 20.88
C ALA A 225 15.82 -40.75 21.36
N MET A 226 16.30 -39.79 20.58
CA MET A 226 16.25 -38.37 20.99
C MET A 226 16.04 -37.51 19.79
N THR A 227 15.46 -36.34 20.03
CA THR A 227 15.33 -35.29 19.04
C THR A 227 15.40 -33.92 19.73
N ILE A 228 15.41 -32.85 18.94
CA ILE A 228 15.47 -31.51 19.48
C ILE A 228 14.35 -30.72 18.81
N ASN A 229 13.46 -30.16 19.64
CA ASN A 229 12.27 -29.49 19.12
C ASN A 229 11.57 -28.71 20.22
N GLY A 230 10.58 -27.92 19.82
CA GLY A 230 9.88 -27.07 20.76
C GLY A 230 8.55 -27.65 21.20
N PRO A 231 7.83 -26.89 22.03
CA PRO A 231 6.57 -27.38 22.56
C PRO A 231 5.54 -27.77 21.47
N TRP A 232 5.58 -27.11 20.33
CA TRP A 232 4.56 -27.36 19.31
C TRP A 232 4.59 -28.81 18.83
N ALA A 233 5.74 -29.46 19.00
CA ALA A 233 5.95 -30.83 18.55
C ALA A 233 5.36 -31.90 19.46
N TRP A 234 5.03 -31.54 20.70
CA TRP A 234 4.58 -32.50 21.70
C TRP A 234 3.28 -33.18 21.31
N SER A 235 2.44 -32.41 20.64
CA SER A 235 1.14 -32.89 20.19
C SER A 235 1.22 -34.17 19.36
N ASN A 236 2.07 -34.16 18.32
CA ASN A 236 2.18 -35.32 17.42
C ASN A 236 2.84 -36.51 18.09
N ILE A 237 3.61 -36.25 19.15
CA ILE A 237 4.21 -37.32 19.92
C ILE A 237 3.18 -38.02 20.79
N ASP A 238 2.24 -37.26 21.35
CA ASP A 238 1.17 -37.84 22.18
C ASP A 238 0.39 -38.86 21.37
N THR A 239 0.01 -38.46 20.16
CA THR A 239 -0.73 -39.27 19.19
C THR A 239 0.03 -40.56 18.88
N SER A 240 1.33 -40.43 18.66
CA SER A 240 2.18 -41.60 18.51
C SER A 240 2.29 -42.34 19.85
N LYS A 241 2.77 -43.56 19.82
CA LYS A 241 2.88 -44.35 21.06
C LYS A 241 3.81 -43.67 22.08
N VAL A 242 4.91 -43.12 21.57
CA VAL A 242 6.14 -42.93 22.31
C VAL A 242 6.02 -42.42 23.74
N ASN A 243 6.58 -43.19 24.66
CA ASN A 243 6.76 -42.77 26.02
C ASN A 243 7.97 -41.83 26.09
N TYR A 244 7.68 -40.53 26.04
CA TYR A 244 8.72 -39.52 25.92
C TYR A 244 8.87 -38.60 27.13
N GLY A 245 10.10 -38.10 27.33
CA GLY A 245 10.38 -37.02 28.27
C GLY A 245 10.88 -35.78 27.54
N VAL A 246 10.80 -34.63 28.21
CA VAL A 246 11.37 -33.39 27.74
C VAL A 246 12.33 -32.90 28.80
N THR A 247 13.54 -32.54 28.38
CA THR A 247 14.60 -32.27 29.35
C THR A 247 15.55 -31.15 28.92
N VAL A 248 16.43 -30.78 29.85
CA VAL A 248 17.48 -29.81 29.60
C VAL A 248 18.38 -30.32 28.49
N LEU A 249 18.75 -29.42 27.59
CA LEU A 249 19.66 -29.75 26.50
C LEU A 249 21.03 -30.21 27.01
N PRO A 250 21.75 -31.00 26.19
CA PRO A 250 23.02 -31.50 26.68
C PRO A 250 24.07 -30.42 26.66
N THR A 251 25.03 -30.50 27.56
CA THR A 251 26.12 -29.55 27.62
C THR A 251 27.16 -29.80 26.53
N PHE A 252 27.93 -28.76 26.20
CA PHE A 252 29.08 -28.91 25.29
C PHE A 252 30.30 -28.33 26.00
N LYS A 253 31.33 -29.16 26.15
CA LYS A 253 32.54 -28.81 26.88
C LYS A 253 32.21 -28.30 28.27
N GLY A 254 31.20 -28.90 28.89
CA GLY A 254 30.73 -28.49 30.21
C GLY A 254 29.75 -27.32 30.23
N GLN A 255 29.63 -26.62 29.10
CA GLN A 255 28.80 -25.41 29.00
C GLN A 255 27.38 -25.72 28.53
N PRO A 256 26.37 -25.05 29.11
CA PRO A 256 25.00 -25.24 28.69
C PRO A 256 24.80 -24.93 27.22
N SER A 257 23.94 -25.68 26.54
CA SER A 257 23.48 -25.28 25.21
C SER A 257 22.63 -24.02 25.37
N LYS A 258 22.71 -23.11 24.39
CA LYS A 258 22.13 -21.78 24.61
C LYS A 258 21.15 -21.47 23.50
N PRO A 259 19.93 -22.01 23.60
CA PRO A 259 18.99 -21.81 22.50
C PRO A 259 18.58 -20.35 22.49
N PHE A 260 18.24 -19.86 21.31
CA PHE A 260 17.69 -18.55 21.15
C PHE A 260 16.21 -18.63 21.49
N VAL A 261 15.76 -17.83 22.46
CA VAL A 261 14.38 -17.85 22.91
C VAL A 261 13.52 -16.94 22.04
N GLY A 262 12.44 -17.51 21.50
CA GLY A 262 11.48 -16.74 20.71
C GLY A 262 10.18 -16.49 21.48
N VAL A 263 9.61 -15.33 21.23
CA VAL A 263 8.27 -15.00 21.71
C VAL A 263 7.35 -14.98 20.48
N LEU A 264 6.49 -15.98 20.38
CA LEU A 264 5.50 -16.01 19.32
C LEU A 264 4.66 -14.77 19.48
N SER A 265 4.49 -14.01 18.39
CA SER A 265 3.81 -12.74 18.47
C SER A 265 2.85 -12.54 17.33
N ALA A 266 1.83 -11.71 17.57
CA ALA A 266 0.85 -11.39 16.54
C ALA A 266 0.90 -9.92 16.19
N GLY A 267 1.18 -9.63 14.93
CA GLY A 267 1.26 -8.26 14.45
C GLY A 267 0.10 -7.90 13.53
N ILE A 268 -0.21 -6.61 13.50
CA ILE A 268 -1.24 -6.12 12.64
C ILE A 268 -0.58 -5.45 11.44
N ASN A 269 -0.99 -5.86 10.24
CA ASN A 269 -0.55 -5.23 9.01
C ASN A 269 -0.89 -3.75 8.99
N ALA A 270 0.11 -2.91 8.72
CA ALA A 270 -0.10 -1.46 8.68
C ALA A 270 -1.14 -1.03 7.65
N ALA A 271 -1.30 -1.85 6.61
CA ALA A 271 -2.19 -1.52 5.50
C ALA A 271 -3.60 -2.10 5.66
N SER A 272 -3.87 -2.70 6.82
CA SER A 272 -5.14 -3.36 7.07
C SER A 272 -6.21 -2.31 7.34
N PRO A 273 -7.37 -2.43 6.68
CA PRO A 273 -8.48 -1.53 6.96
C PRO A 273 -9.28 -2.03 8.17
N ASN A 274 -8.82 -3.11 8.77
CA ASN A 274 -9.55 -3.76 9.85
C ASN A 274 -8.76 -3.76 11.15
N LYS A 275 -7.92 -2.75 11.35
CA LYS A 275 -7.06 -2.71 12.54
C LYS A 275 -7.84 -2.85 13.87
N GLU A 276 -9.07 -2.36 13.90
CA GLU A 276 -9.87 -2.36 15.12
C GLU A 276 -10.49 -3.73 15.39
N LEU A 277 -10.97 -4.40 14.33
CA LEU A 277 -11.42 -5.79 14.42
C LEU A 277 -10.29 -6.71 14.90
N ALA A 278 -9.12 -6.52 14.30
CA ALA A 278 -7.89 -7.21 14.71
C ALA A 278 -7.58 -7.08 16.20
N LYS A 279 -7.52 -5.84 16.68
CA LYS A 279 -7.32 -5.54 18.10
C LYS A 279 -8.34 -6.28 18.98
N GLU A 280 -9.61 -6.22 18.61
CA GLU A 280 -10.65 -6.88 19.40
C GLU A 280 -10.48 -8.39 19.41
N PHE A 281 -10.02 -8.95 18.31
CA PHE A 281 -9.83 -10.38 18.21
C PHE A 281 -8.68 -10.84 19.07
N LEU A 282 -7.55 -10.16 18.96
CA LEU A 282 -6.38 -10.55 19.73
C LEU A 282 -6.56 -10.29 21.22
N GLU A 283 -7.11 -9.12 21.57
CA GLU A 283 -7.24 -8.73 22.99
C GLU A 283 -8.34 -9.47 23.73
N ASN A 284 -9.52 -9.58 23.10
CA ASN A 284 -10.73 -10.09 23.75
C ASN A 284 -11.07 -11.56 23.50
N TYR A 285 -10.43 -12.16 22.51
CA TYR A 285 -10.68 -13.57 22.19
C TYR A 285 -9.46 -14.48 22.33
N LEU A 286 -8.39 -14.18 21.61
CA LEU A 286 -7.20 -15.00 21.68
C LEU A 286 -6.48 -14.89 23.01
N LEU A 287 -6.17 -13.68 23.44
CA LEU A 287 -5.49 -13.49 24.73
C LEU A 287 -6.40 -13.70 25.96
N THR A 288 -7.04 -14.85 26.01
CA THR A 288 -7.86 -15.27 27.15
C THR A 288 -7.50 -16.71 27.49
N ASP A 289 -7.86 -17.14 28.70
CA ASP A 289 -7.77 -18.57 29.05
C ASP A 289 -8.37 -19.47 27.96
N GLU A 290 -9.61 -19.21 27.56
CA GLU A 290 -10.31 -19.98 26.51
C GLU A 290 -9.60 -19.99 25.16
N GLY A 291 -9.08 -18.84 24.75
CA GLY A 291 -8.47 -18.68 23.44
C GLY A 291 -7.12 -19.37 23.38
N LEU A 292 -6.25 -19.05 24.33
CA LEU A 292 -4.98 -19.72 24.44
C LEU A 292 -5.15 -21.24 24.59
N GLU A 293 -6.12 -21.65 25.41
CA GLU A 293 -6.39 -23.07 25.62
C GLU A 293 -6.77 -23.80 24.32
N ALA A 294 -7.58 -23.15 23.50
CA ALA A 294 -7.99 -23.67 22.20
C ALA A 294 -6.79 -23.89 21.27
N VAL A 295 -5.86 -22.95 21.24
CA VAL A 295 -4.67 -23.09 20.41
C VAL A 295 -3.72 -24.12 21.02
N ASN A 296 -3.53 -24.04 22.33
CA ASN A 296 -2.68 -24.97 23.07
C ASN A 296 -3.09 -26.44 22.94
N LYS A 297 -4.39 -26.69 22.91
CA LYS A 297 -4.91 -28.04 22.77
C LYS A 297 -4.57 -28.65 21.41
N ASP A 298 -4.44 -27.79 20.40
CA ASP A 298 -4.04 -28.21 19.07
C ASP A 298 -2.51 -28.45 19.01
N LYS A 299 -1.71 -27.39 19.13
CA LYS A 299 -0.27 -27.53 19.32
C LYS A 299 0.15 -26.71 20.54
N PRO A 300 0.83 -27.35 21.51
CA PRO A 300 1.23 -26.60 22.69
C PRO A 300 2.02 -25.35 22.31
N LEU A 301 1.75 -24.27 23.03
CA LEU A 301 2.34 -22.97 22.75
C LEU A 301 3.66 -22.73 23.47
N GLY A 302 3.87 -23.40 24.59
CA GLY A 302 5.01 -23.13 25.45
C GLY A 302 4.55 -22.40 26.70
N ALA A 303 5.32 -21.43 27.16
CA ALA A 303 4.96 -20.69 28.35
C ALA A 303 4.25 -19.39 27.95
N VAL A 304 2.95 -19.35 28.15
CA VAL A 304 2.17 -18.32 27.51
C VAL A 304 2.42 -16.95 28.16
N ALA A 305 2.26 -15.89 27.39
CA ALA A 305 2.44 -14.53 27.90
C ALA A 305 1.35 -14.16 28.88
N LEU A 306 0.20 -14.81 28.76
CA LEU A 306 -0.93 -14.51 29.62
C LEU A 306 -0.73 -15.09 31.01
N LYS A 307 -0.52 -14.21 31.98
CA LYS A 307 -0.31 -14.58 33.38
C LYS A 307 -1.28 -15.61 33.95
N SER A 308 -2.59 -15.40 33.75
CA SER A 308 -3.58 -16.26 34.37
C SER A 308 -3.57 -17.68 33.82
N TYR A 309 -3.20 -17.84 32.55
CA TYR A 309 -3.13 -19.16 31.94
C TYR A 309 -1.76 -19.81 32.16
N GLU A 310 -0.72 -18.99 32.28
CA GLU A 310 0.61 -19.48 32.55
C GLU A 310 0.73 -20.11 33.94
N GLU A 311 -0.07 -19.63 34.88
CA GLU A 311 -0.09 -20.19 36.24
C GLU A 311 -0.56 -21.66 36.29
N GLU A 312 -1.38 -22.06 35.31
CA GLU A 312 -1.81 -23.46 35.17
C GLU A 312 -0.78 -24.29 34.41
N LEU A 313 -0.24 -23.72 33.35
CA LEU A 313 0.72 -24.41 32.50
C LEU A 313 2.09 -24.60 33.16
N ALA A 314 2.47 -23.66 34.02
CA ALA A 314 3.78 -23.70 34.71
C ALA A 314 4.05 -25.00 35.44
N LYS A 315 2.99 -25.76 35.71
CA LYS A 315 3.10 -26.98 36.53
C LYS A 315 3.36 -28.26 35.73
N ASP A 316 3.46 -28.12 34.41
CA ASP A 316 3.76 -29.22 33.52
C ASP A 316 5.29 -29.39 33.46
N PRO A 317 5.81 -30.59 33.76
CA PRO A 317 7.26 -30.76 33.76
C PRO A 317 7.92 -30.43 32.41
N ARG A 318 7.16 -30.53 31.32
CA ARG A 318 7.63 -30.17 29.98
C ARG A 318 7.80 -28.66 29.80
N ILE A 319 6.89 -27.88 30.35
CA ILE A 319 7.00 -26.43 30.38
C ILE A 319 8.16 -26.03 31.33
N ALA A 320 8.28 -26.73 32.45
CA ALA A 320 9.39 -26.49 33.38
C ALA A 320 10.73 -26.65 32.67
N ALA A 321 10.83 -27.70 31.85
CA ALA A 321 12.03 -27.96 31.09
C ALA A 321 12.23 -26.87 30.01
N THR A 322 11.14 -26.49 29.33
CA THR A 322 11.16 -25.41 28.37
C THR A 322 11.77 -24.15 28.98
N MET A 323 11.34 -23.80 30.19
CA MET A 323 11.83 -22.57 30.84
C MET A 323 13.26 -22.68 31.40
N GLU A 324 13.65 -23.88 31.85
CA GLU A 324 15.05 -24.14 32.19
C GLU A 324 15.99 -23.99 30.97
N ASN A 325 15.63 -24.57 29.83
CA ASN A 325 16.38 -24.32 28.60
C ASN A 325 16.36 -22.86 28.14
N ALA A 326 15.21 -22.21 28.26
CA ALA A 326 15.10 -20.78 27.99
C ALA A 326 16.05 -19.94 28.83
N GLN A 327 16.10 -20.23 30.13
CA GLN A 327 16.93 -19.47 31.07
C GLN A 327 18.43 -19.57 30.73
N LYS A 328 18.88 -20.72 30.27
CA LYS A 328 20.28 -20.90 29.90
C LYS A 328 20.62 -20.32 28.53
N GLY A 329 19.59 -20.08 27.70
CA GLY A 329 19.74 -19.34 26.45
C GLY A 329 19.50 -17.83 26.56
N GLU A 330 19.06 -17.23 25.46
CA GLU A 330 18.91 -15.76 25.35
C GLU A 330 17.66 -15.45 24.54
N ILE A 331 16.92 -14.42 24.95
CA ILE A 331 15.90 -13.85 24.08
C ILE A 331 16.57 -13.37 22.80
N MET A 332 16.00 -13.68 21.65
CA MET A 332 16.53 -13.19 20.39
C MET A 332 16.45 -11.67 20.30
N PRO A 333 17.42 -11.04 19.64
CA PRO A 333 17.23 -9.63 19.30
C PRO A 333 16.03 -9.47 18.34
N ASN A 334 15.54 -8.26 18.17
CA ASN A 334 14.56 -8.01 17.10
C ASN A 334 15.06 -6.94 16.12
N ILE A 335 16.36 -6.70 16.14
CA ILE A 335 16.94 -5.71 15.24
C ILE A 335 16.76 -6.17 13.78
N PRO A 336 16.73 -5.23 12.82
CA PRO A 336 16.42 -5.61 11.45
C PRO A 336 17.48 -6.50 10.81
N GLN A 337 18.67 -6.51 11.40
CA GLN A 337 19.81 -7.29 10.94
C GLN A 337 19.66 -8.79 11.23
N MET A 338 18.64 -9.17 11.99
CA MET A 338 18.44 -10.58 12.35
C MET A 338 18.30 -11.48 11.12
N SER A 339 17.62 -10.95 10.11
CA SER A 339 17.32 -11.63 8.87
C SER A 339 18.59 -12.00 8.11
N ALA A 340 19.53 -11.08 8.01
CA ALA A 340 20.78 -11.33 7.34
C ALA A 340 21.61 -12.36 8.12
N PHE A 341 21.49 -12.29 9.45
CA PHE A 341 22.23 -13.17 10.32
C PHE A 341 21.72 -14.61 10.20
N TRP A 342 20.40 -14.78 10.27
CA TRP A 342 19.83 -16.11 10.10
C TRP A 342 20.22 -16.71 8.75
N TYR A 343 20.20 -15.88 7.71
CA TYR A 343 20.56 -16.30 6.36
C TYR A 343 22.01 -16.77 6.30
N ALA A 344 22.91 -16.01 6.92
CA ALA A 344 24.32 -16.36 6.89
C ALA A 344 24.61 -17.69 7.62
N VAL A 345 23.98 -17.88 8.78
CA VAL A 345 24.15 -19.09 9.58
C VAL A 345 23.48 -20.31 8.93
N ARG A 346 22.32 -20.10 8.29
CA ARG A 346 21.64 -21.16 7.52
C ARG A 346 22.61 -21.70 6.49
N THR A 347 23.26 -20.79 5.78
CA THR A 347 24.15 -21.16 4.71
C THR A 347 25.40 -21.83 5.25
N ALA A 348 25.97 -21.27 6.32
CA ALA A 348 27.19 -21.83 6.91
C ALA A 348 26.94 -23.24 7.41
N VAL A 349 25.83 -23.46 8.11
CA VAL A 349 25.53 -24.77 8.65
C VAL A 349 25.31 -25.80 7.54
N ILE A 350 24.50 -25.46 6.56
CA ILE A 350 24.24 -26.36 5.45
C ILE A 350 25.52 -26.70 4.64
N ASN A 351 26.33 -25.70 4.35
CA ASN A 351 27.57 -25.92 3.61
C ASN A 351 28.58 -26.76 4.37
N ALA A 352 28.70 -26.52 5.69
CA ALA A 352 29.58 -27.35 6.52
C ALA A 352 29.09 -28.79 6.67
N ALA A 353 27.78 -28.98 6.84
CA ALA A 353 27.19 -30.32 6.99
C ALA A 353 27.32 -31.20 5.73
N SER A 354 27.29 -30.57 4.56
CA SER A 354 27.29 -31.31 3.33
C SER A 354 28.72 -31.58 2.82
N GLY A 355 29.69 -30.93 3.44
CA GLY A 355 31.08 -31.00 3.01
C GLY A 355 31.42 -29.95 1.96
N ARG A 356 30.44 -29.15 1.56
CA ARG A 356 30.67 -28.14 0.51
C ARG A 356 31.75 -27.11 0.88
N GLN A 357 31.83 -26.77 2.17
CA GLN A 357 32.88 -25.92 2.72
C GLN A 357 33.38 -26.57 4.01
N THR A 358 34.59 -26.24 4.43
CA THR A 358 35.02 -26.57 5.78
C THR A 358 34.32 -25.66 6.79
N VAL A 359 34.35 -26.05 8.06
CA VAL A 359 33.83 -25.25 9.15
C VAL A 359 34.44 -23.83 9.13
N ASP A 360 35.76 -23.75 8.99
CA ASP A 360 36.46 -22.47 8.95
C ASP A 360 36.00 -21.59 7.78
N GLU A 361 35.81 -22.21 6.62
CA GLU A 361 35.37 -21.50 5.41
C GLU A 361 33.94 -20.99 5.56
N ALA A 362 33.07 -21.83 6.11
CA ALA A 362 31.66 -21.51 6.21
C ALA A 362 31.42 -20.41 7.23
N LEU A 363 32.09 -20.51 8.38
CA LEU A 363 31.90 -19.53 9.42
C LEU A 363 32.58 -18.22 9.06
N LYS A 364 33.69 -18.28 8.33
CA LYS A 364 34.23 -17.03 7.84
C LYS A 364 33.25 -16.38 6.85
N ASP A 365 32.74 -17.12 5.86
CA ASP A 365 31.73 -16.53 4.99
C ASP A 365 30.57 -15.94 5.80
N ALA A 366 30.13 -16.64 6.83
CA ALA A 366 29.10 -16.11 7.72
C ALA A 366 29.51 -14.80 8.40
N GLN A 367 30.71 -14.76 8.95
CA GLN A 367 31.28 -13.54 9.53
C GLN A 367 31.20 -12.33 8.61
N THR A 368 31.58 -12.52 7.34
CA THR A 368 31.67 -11.44 6.36
C THR A 368 30.38 -11.22 5.58
N ASN A 369 29.34 -12.01 5.89
CA ASN A 369 28.02 -11.89 5.23
C ASN A 369 28.05 -12.15 3.71
N ALA A 370 28.98 -13.01 3.27
CA ALA A 370 29.25 -13.22 1.85
C ALA A 370 28.09 -13.83 1.07
N ALA A 371 27.37 -14.77 1.67
CA ALA A 371 26.25 -15.42 1.00
C ALA A 371 25.13 -14.42 0.66
N ALA A 372 24.69 -13.64 1.65
CA ALA A 372 23.64 -12.62 1.42
C ALA A 372 24.10 -11.60 0.39
N GLU A 373 25.39 -11.31 0.39
CA GLU A 373 25.92 -10.30 -0.49
C GLU A 373 25.93 -10.76 -1.93
N PHE A 374 26.28 -12.03 -2.13
CA PHE A 374 26.26 -12.62 -3.47
C PHE A 374 24.84 -12.64 -4.03
N ALA A 375 23.87 -12.99 -3.18
CA ALA A 375 22.48 -13.02 -3.60
C ALA A 375 21.97 -11.62 -3.92
N ALA A 376 22.45 -10.62 -3.19
CA ALA A 376 22.07 -9.23 -3.42
C ALA A 376 22.70 -8.70 -4.70
N LEU A 377 23.88 -9.22 -5.03
CA LEU A 377 24.58 -8.93 -6.29
C LEU A 377 23.80 -9.47 -7.50
N LEU A 378 23.51 -10.77 -7.51
CA LEU A 378 22.69 -11.30 -8.58
C LEU A 378 21.35 -10.57 -8.64
N HIS A 379 20.72 -10.39 -7.48
CA HIS A 379 19.44 -9.73 -7.44
C HIS A 379 19.42 -8.33 -8.08
N SER A 380 20.40 -7.49 -7.76
CA SER A 380 20.41 -6.15 -8.35
C SER A 380 20.66 -6.16 -9.86
N LEU A 381 21.33 -7.20 -10.36
CA LEU A 381 21.50 -7.36 -11.80
C LEU A 381 20.18 -7.65 -12.47
N LEU A 382 19.40 -8.54 -11.88
CA LEU A 382 18.08 -8.86 -12.41
C LEU A 382 17.18 -7.63 -12.29
N GLU A 383 17.18 -6.97 -11.13
CA GLU A 383 16.41 -5.73 -10.96
C GLU A 383 16.81 -4.72 -12.03
N ALA A 384 18.09 -4.53 -12.27
CA ALA A 384 18.55 -3.52 -13.23
C ALA A 384 18.14 -3.86 -14.66
N ASN A 385 18.23 -5.13 -15.02
CA ASN A 385 17.82 -5.58 -16.34
C ASN A 385 16.33 -5.40 -16.58
N CYS A 386 15.53 -5.64 -15.55
CA CYS A 386 14.10 -5.55 -15.71
C CYS A 386 13.63 -4.10 -15.74
N SER A 387 14.29 -3.22 -15.00
CA SER A 387 14.02 -1.79 -15.07
C SER A 387 14.33 -1.24 -16.45
N LEU A 388 15.41 -1.76 -17.05
CA LEU A 388 15.77 -1.43 -18.42
C LEU A 388 14.71 -1.84 -19.42
N ALA A 389 14.24 -3.08 -19.33
CA ALA A 389 13.19 -3.55 -20.25
C ALA A 389 11.95 -2.67 -20.11
N LEU A 390 11.62 -2.29 -18.87
CA LEU A 390 10.52 -1.37 -18.62
C LEU A 390 10.79 -0.03 -19.26
N ALA A 391 12.02 0.45 -19.11
CA ALA A 391 12.44 1.70 -19.69
C ALA A 391 12.24 1.68 -21.20
N GLU A 392 12.64 0.58 -21.84
CA GLU A 392 12.46 0.41 -23.29
C GLU A 392 11.00 0.44 -23.73
N GLU A 393 10.14 -0.34 -23.08
CA GLU A 393 8.72 -0.35 -23.40
C GLU A 393 8.10 1.04 -23.22
N LEU A 394 8.46 1.73 -22.15
CA LEU A 394 7.94 3.05 -21.94
C LEU A 394 8.39 4.01 -23.05
N LEU A 395 9.68 3.98 -23.38
CA LEU A 395 10.22 4.82 -24.45
C LEU A 395 9.45 4.63 -25.75
N LEU A 396 9.33 3.38 -26.17
CA LEU A 396 8.61 3.02 -27.39
C LEU A 396 7.14 3.39 -27.32
N ASP A 397 6.52 3.14 -26.17
CA ASP A 397 5.10 3.39 -26.02
C ASP A 397 4.74 4.86 -26.09
N GLY A 398 5.57 5.72 -25.49
CA GLY A 398 5.26 7.13 -25.42
C GLY A 398 5.79 7.98 -26.56
N TRP A 399 6.93 7.58 -27.11
CA TRP A 399 7.64 8.43 -28.07
C TRP A 399 8.01 7.77 -29.41
N GLY A 400 7.72 6.48 -29.55
CA GLY A 400 7.99 5.77 -30.77
C GLY A 400 6.89 6.03 -31.77
N PRO A 401 6.99 5.42 -32.96
CA PRO A 401 5.95 5.44 -34.00
C PRO A 401 4.60 4.92 -33.51
N PRO A 402 3.49 5.54 -33.98
CA PRO A 402 2.13 5.19 -33.56
C PRO A 402 1.86 3.69 -33.52
N LEU A 403 1.45 3.22 -32.35
CA LEU A 403 1.02 1.84 -32.14
C LEU A 403 -0.24 1.57 -32.97
N ASP A 404 -0.52 0.30 -33.26
CA ASP A 404 -1.64 -0.05 -34.14
C ASP A 404 -2.99 0.30 -33.47
N PRO A 405 -3.77 1.22 -34.10
CA PRO A 405 -5.07 1.64 -33.58
C PRO A 405 -6.08 0.51 -33.36
N GLU A 406 -5.94 -0.59 -34.10
CA GLU A 406 -6.86 -1.72 -34.01
C GLU A 406 -6.56 -2.66 -32.81
N GLY A 407 -5.28 -2.72 -32.42
CA GLY A 407 -4.82 -3.63 -31.36
C GLY A 407 -5.16 -3.23 -29.93
N PRO A 408 -4.78 -4.07 -28.95
CA PRO A 408 -5.19 -3.92 -27.54
C PRO A 408 -4.70 -2.63 -26.89
N TYR A 409 -5.54 -2.05 -26.04
CA TYR A 409 -5.18 -0.81 -25.34
C TYR A 409 -4.59 -1.11 -23.97
N SER A 410 -5.03 -2.21 -23.37
CA SER A 410 -4.67 -2.56 -22.00
C SER A 410 -3.54 -3.59 -21.92
N TYR A 411 -2.55 -3.29 -21.08
CA TYR A 411 -1.35 -4.11 -20.93
C TYR A 411 -0.99 -4.33 -19.48
N CYS A 412 -0.50 -5.52 -19.17
CA CYS A 412 0.25 -5.74 -17.94
C CYS A 412 1.67 -5.26 -18.24
N ASN A 413 2.27 -4.54 -17.30
CA ASN A 413 3.59 -3.96 -17.57
C ASN A 413 4.73 -4.82 -17.05
N THR A 414 5.93 -4.59 -17.58
CA THR A 414 7.13 -5.33 -17.20
C THR A 414 7.34 -5.33 -15.67
N THR A 415 7.41 -6.53 -15.09
CA THR A 415 7.65 -6.72 -13.65
C THR A 415 8.62 -7.87 -13.39
N LEU A 416 9.28 -7.79 -12.24
CA LEU A 416 10.17 -8.84 -11.77
C LEU A 416 9.48 -9.60 -10.66
N ASP A 417 9.38 -10.92 -10.79
CA ASP A 417 8.75 -11.70 -9.73
C ASP A 417 9.75 -12.04 -8.64
N GLN A 418 9.24 -12.54 -7.51
CA GLN A 418 10.04 -12.88 -6.34
C GLN A 418 11.12 -13.92 -6.64
N ILE A 419 10.93 -14.66 -7.75
CA ILE A 419 11.81 -15.76 -8.14
C ILE A 419 12.95 -15.33 -9.11
N GLY A 420 12.85 -14.14 -9.67
CA GLY A 420 13.93 -13.60 -10.53
C GLY A 420 13.61 -13.45 -12.01
N THR A 421 12.42 -13.89 -12.42
CA THR A 421 11.98 -13.78 -13.79
C THR A 421 11.44 -12.37 -14.04
N CYS A 422 11.89 -11.78 -15.13
CA CYS A 422 11.31 -10.55 -15.58
C CYS A 422 10.23 -10.86 -16.62
N TRP A 423 8.98 -10.59 -16.24
CA TRP A 423 7.82 -10.82 -17.07
C TRP A 423 7.58 -9.60 -17.94
N PRO A 424 7.59 -9.75 -19.27
CA PRO A 424 7.55 -8.60 -20.19
C PRO A 424 6.16 -7.99 -20.37
N ARG A 425 6.13 -6.72 -20.78
CA ARG A 425 4.88 -6.04 -21.18
C ARG A 425 4.05 -6.97 -22.07
N SER A 426 2.79 -7.16 -21.68
CA SER A 426 1.93 -8.16 -22.30
C SER A 426 0.50 -7.65 -22.34
N ALA A 427 -0.23 -8.07 -23.37
CA ALA A 427 -1.60 -7.62 -23.56
C ALA A 427 -2.54 -8.33 -22.59
N ALA A 428 -3.56 -7.60 -22.15
CA ALA A 428 -4.61 -8.16 -21.32
C ALA A 428 -5.12 -9.46 -21.93
N GLY A 429 -5.09 -10.52 -21.15
CA GLY A 429 -5.62 -11.81 -21.58
C GLY A 429 -4.55 -12.83 -21.96
N ALA A 430 -3.32 -12.37 -22.14
CA ALA A 430 -2.25 -13.22 -22.67
C ALA A 430 -1.70 -14.25 -21.68
N LEU A 431 -1.51 -15.48 -22.14
CA LEU A 431 -0.72 -16.43 -21.37
C LEU A 431 0.75 -16.28 -21.77
N VAL A 432 1.58 -15.88 -20.81
CA VAL A 432 2.97 -15.50 -21.11
C VAL A 432 3.96 -16.56 -20.64
N GLU A 433 4.87 -16.89 -21.54
CA GLU A 433 5.86 -17.95 -21.39
C GLU A 433 7.25 -17.34 -21.19
N ARG A 434 7.97 -17.77 -20.16
CA ARG A 434 9.34 -17.31 -19.94
C ARG A 434 10.24 -18.48 -19.54
N PRO A 435 11.51 -18.45 -19.96
CA PRO A 435 12.41 -19.56 -19.67
C PRO A 435 12.66 -19.64 -18.18
N CYS A 436 12.68 -20.86 -17.65
CA CYS A 436 12.97 -21.07 -16.24
C CYS A 436 14.28 -20.40 -15.85
N PRO A 437 14.40 -19.97 -14.58
CA PRO A 437 15.60 -19.29 -14.14
C PRO A 437 16.80 -20.21 -14.24
N GLU A 438 17.98 -19.62 -14.47
CA GLU A 438 19.21 -20.39 -14.57
C GLU A 438 19.64 -20.84 -13.18
N TYR A 439 19.15 -20.12 -12.17
CA TYR A 439 19.67 -20.22 -10.82
C TYR A 439 18.57 -19.75 -9.87
N PHE A 440 18.23 -20.59 -8.89
CA PHE A 440 17.34 -20.18 -7.82
C PHE A 440 17.73 -20.73 -6.47
N ASN A 441 18.05 -19.83 -5.55
CA ASN A 441 18.31 -20.17 -4.15
C ASN A 441 19.35 -21.28 -4.05
N GLY A 442 20.52 -21.03 -4.60
CA GLY A 442 21.65 -21.96 -4.55
C GLY A 442 21.48 -23.23 -5.37
N VAL A 443 20.45 -23.26 -6.22
CA VAL A 443 20.12 -24.45 -7.00
C VAL A 443 19.85 -24.08 -8.45
N LYS A 444 20.58 -24.72 -9.38
CA LYS A 444 20.46 -24.43 -10.81
C LYS A 444 19.39 -25.28 -11.50
N TYR A 445 18.62 -24.63 -12.38
CA TYR A 445 17.51 -25.28 -13.08
C TYR A 445 17.73 -25.35 -14.59
N ASN A 446 16.94 -26.19 -15.26
CA ASN A 446 16.99 -26.33 -16.72
C ASN A 446 16.22 -25.19 -17.43
N THR A 447 16.96 -24.34 -18.15
CA THR A 447 16.42 -23.10 -18.76
C THR A 447 15.66 -23.26 -20.08
N THR A 448 15.50 -24.49 -20.56
CA THR A 448 14.86 -24.74 -21.85
C THR A 448 13.45 -25.35 -21.70
N ARG A 449 12.99 -25.42 -20.46
CA ARG A 449 11.57 -25.56 -20.17
C ARG A 449 11.13 -24.16 -19.78
N ASN A 450 9.82 -23.98 -19.59
CA ASN A 450 9.28 -22.64 -19.35
C ASN A 450 8.44 -22.48 -18.09
N ALA A 451 8.32 -21.24 -17.64
CA ALA A 451 7.39 -20.86 -16.59
C ALA A 451 6.24 -20.08 -17.23
N TYR A 452 5.11 -20.03 -16.54
CA TYR A 452 3.89 -19.48 -17.10
C TYR A 452 3.17 -18.49 -16.17
N ARG A 453 2.64 -17.42 -16.75
CA ARG A 453 1.87 -16.43 -16.00
C ARG A 453 0.86 -15.73 -16.87
N GLU A 454 -0.39 -15.70 -16.39
CA GLU A 454 -1.47 -15.04 -17.09
C GLU A 454 -1.45 -13.53 -16.86
N CYS A 455 -1.56 -12.77 -17.94
CA CYS A 455 -1.90 -11.36 -17.84
C CYS A 455 -3.41 -11.31 -17.90
N LEU A 456 -4.04 -10.85 -16.81
CA LEU A 456 -5.50 -10.98 -16.65
C LEU A 456 -6.28 -10.04 -17.55
N GLU A 457 -7.61 -10.19 -17.57
CA GLU A 457 -8.51 -9.43 -18.45
C GLU A 457 -8.42 -7.90 -18.33
N ASN A 458 -7.98 -7.41 -17.17
CA ASN A 458 -8.02 -5.98 -16.86
C ASN A 458 -6.67 -5.27 -16.93
N GLY A 459 -5.65 -6.00 -17.38
CA GLY A 459 -4.31 -5.47 -17.50
C GLY A 459 -3.52 -5.59 -16.21
N THR A 460 -3.97 -6.48 -15.32
CA THR A 460 -3.21 -6.81 -14.10
C THR A 460 -2.60 -8.21 -14.18
N TRP A 461 -1.36 -8.33 -13.70
CA TRP A 461 -0.71 -9.63 -13.56
C TRP A 461 -1.46 -10.52 -12.59
N ALA A 462 -1.72 -11.76 -13.01
CA ALA A 462 -2.25 -12.77 -12.12
C ALA A 462 -1.33 -12.94 -10.93
N SER A 463 -1.93 -13.38 -9.82
CA SER A 463 -1.21 -13.62 -8.58
C SER A 463 -0.31 -14.84 -8.68
N LYS A 464 -0.83 -15.93 -9.24
CA LYS A 464 -0.09 -17.19 -9.35
C LYS A 464 0.88 -17.20 -10.52
N ILE A 465 2.04 -17.80 -10.30
CA ILE A 465 2.99 -18.02 -11.39
C ILE A 465 3.35 -19.52 -11.43
N ASN A 466 3.19 -20.12 -12.61
CA ASN A 466 3.35 -21.57 -12.76
C ASN A 466 4.79 -21.99 -13.02
N TYR A 467 5.44 -22.50 -11.97
CA TYR A 467 6.81 -22.98 -12.04
C TYR A 467 6.93 -24.50 -12.00
N SER A 468 5.81 -25.21 -12.19
CA SER A 468 5.76 -26.67 -12.08
C SER A 468 6.65 -27.41 -13.10
N GLN A 469 7.03 -26.73 -14.18
CA GLN A 469 7.87 -27.33 -15.23
C GLN A 469 9.38 -27.13 -15.01
N CYS A 470 9.76 -26.18 -14.15
CA CYS A 470 11.18 -25.94 -13.88
C CYS A 470 11.70 -27.01 -12.92
N GLU A 471 12.46 -27.96 -13.48
CA GLU A 471 13.14 -28.98 -12.68
C GLU A 471 14.67 -28.83 -12.78
N PRO A 472 15.40 -29.11 -11.68
CA PRO A 472 16.85 -28.88 -11.65
C PRO A 472 17.64 -29.97 -12.37
N ILE A 473 18.97 -29.87 -12.32
CA ILE A 473 19.87 -30.85 -12.93
C ILE A 473 19.90 -32.19 -12.16
N LYS B 3 -0.84 33.71 7.37
CA LYS B 3 -1.57 34.35 8.49
C LYS B 3 -3.03 34.67 8.15
N ILE B 4 -3.96 33.90 8.70
CA ILE B 4 -5.38 34.28 8.65
C ILE B 4 -5.74 35.05 9.93
N GLU B 5 -6.54 36.10 9.78
CA GLU B 5 -7.05 36.87 10.91
C GLU B 5 -7.89 35.97 11.82
N GLU B 6 -7.43 35.82 13.07
CA GLU B 6 -8.14 35.06 14.09
C GLU B 6 -9.38 35.83 14.55
N GLY B 7 -10.53 35.16 14.62
CA GLY B 7 -11.76 35.77 15.10
C GLY B 7 -12.70 36.20 13.98
N LYS B 8 -12.45 35.67 12.79
CA LYS B 8 -13.35 35.82 11.65
C LYS B 8 -13.31 34.58 10.77
N LEU B 9 -14.26 34.47 9.85
CA LEU B 9 -14.26 33.41 8.85
C LEU B 9 -14.15 34.01 7.45
N VAL B 10 -13.15 33.55 6.70
CA VAL B 10 -12.97 33.92 5.31
C VAL B 10 -13.23 32.67 4.48
N ILE B 11 -14.18 32.77 3.55
CA ILE B 11 -14.58 31.63 2.73
C ILE B 11 -14.37 31.90 1.24
N TRP B 12 -13.90 30.86 0.55
CA TRP B 12 -13.74 30.90 -0.89
C TRP B 12 -14.74 29.93 -1.53
N ILE B 13 -15.50 30.43 -2.50
CA ILE B 13 -16.37 29.60 -3.34
C ILE B 13 -16.36 30.16 -4.78
N ASN B 14 -16.63 29.30 -5.75
CA ASN B 14 -16.60 29.67 -7.18
C ASN B 14 -17.74 30.57 -7.65
N GLY B 15 -17.43 31.46 -8.58
CA GLY B 15 -18.36 32.50 -9.08
C GLY B 15 -19.67 32.03 -9.67
N ASP B 16 -19.69 30.79 -10.14
CA ASP B 16 -20.89 30.19 -10.72
C ASP B 16 -21.85 29.60 -9.68
N LYS B 17 -21.43 29.57 -8.40
CA LYS B 17 -22.29 29.05 -7.31
C LYS B 17 -22.98 30.16 -6.51
N GLY B 18 -23.88 29.79 -5.60
CA GLY B 18 -24.73 30.74 -4.88
C GLY B 18 -24.04 31.50 -3.77
N TYR B 19 -23.04 32.28 -4.12
CA TYR B 19 -22.22 32.98 -3.14
C TYR B 19 -22.95 34.07 -2.34
N ASN B 20 -24.02 34.62 -2.90
CA ASN B 20 -24.85 35.58 -2.18
C ASN B 20 -25.77 34.92 -1.15
N GLY B 21 -26.25 33.73 -1.48
CA GLY B 21 -26.99 32.91 -0.53
C GLY B 21 -26.09 32.57 0.65
N LEU B 22 -24.89 32.08 0.32
CA LEU B 22 -23.89 31.77 1.33
C LEU B 22 -23.58 32.94 2.26
N ALA B 23 -23.43 34.14 1.72
CA ALA B 23 -23.12 35.33 2.51
C ALA B 23 -24.24 35.71 3.48
N GLU B 24 -25.48 35.41 3.09
CA GLU B 24 -26.61 35.58 4.02
C GLU B 24 -26.55 34.60 5.19
N VAL B 25 -26.14 33.36 4.91
CA VAL B 25 -25.88 32.39 5.99
C VAL B 25 -24.78 32.93 6.91
N GLY B 26 -23.78 33.58 6.29
CA GLY B 26 -22.74 34.32 7.00
C GLY B 26 -23.25 35.44 7.91
N LYS B 27 -24.29 36.16 7.46
CA LYS B 27 -24.96 37.17 8.29
C LYS B 27 -25.79 36.57 9.45
N LYS B 28 -26.28 35.34 9.26
CA LYS B 28 -26.94 34.61 10.34
C LYS B 28 -25.96 34.29 11.47
N PHE B 29 -24.82 33.72 11.10
CA PHE B 29 -23.71 33.39 12.00
C PHE B 29 -23.25 34.62 12.77
N GLU B 30 -23.03 35.72 12.04
CA GLU B 30 -22.51 36.96 12.61
C GLU B 30 -23.49 37.57 13.63
N LYS B 31 -24.77 37.59 13.26
CA LYS B 31 -25.86 38.01 14.15
C LYS B 31 -25.87 37.20 15.47
N ASP B 32 -25.64 35.90 15.34
CA ASP B 32 -25.69 34.96 16.47
C ASP B 32 -24.43 35.00 17.35
N THR B 33 -23.26 35.06 16.71
CA THR B 33 -21.98 34.86 17.41
C THR B 33 -21.10 36.12 17.48
N GLY B 34 -21.32 37.06 16.58
CA GLY B 34 -20.51 38.28 16.49
C GLY B 34 -19.24 38.07 15.68
N ILE B 35 -19.20 36.99 14.90
CA ILE B 35 -18.03 36.61 14.10
C ILE B 35 -18.31 36.87 12.62
N LYS B 36 -17.60 37.85 12.07
CA LYS B 36 -17.78 38.27 10.69
C LYS B 36 -17.42 37.15 9.71
N VAL B 37 -18.24 37.01 8.68
CA VAL B 37 -18.00 36.00 7.66
C VAL B 37 -17.86 36.74 6.34
N THR B 38 -16.69 36.61 5.71
CA THR B 38 -16.47 37.19 4.38
C THR B 38 -16.42 36.09 3.31
N VAL B 39 -17.40 36.11 2.42
CA VAL B 39 -17.43 35.17 1.29
C VAL B 39 -16.85 35.83 0.05
N GLU B 40 -15.82 35.20 -0.51
CA GLU B 40 -15.15 35.72 -1.69
C GLU B 40 -15.19 34.68 -2.80
N HIS B 41 -15.07 35.16 -4.03
CA HIS B 41 -15.07 34.30 -5.22
C HIS B 41 -13.92 34.68 -6.15
N PRO B 42 -12.66 34.39 -5.74
CA PRO B 42 -11.51 34.69 -6.59
C PRO B 42 -11.56 33.82 -7.82
N ASP B 43 -11.00 34.29 -8.94
CA ASP B 43 -10.96 33.43 -10.11
C ASP B 43 -9.82 32.41 -9.95
N LYS B 44 -9.84 31.36 -10.76
CA LYS B 44 -8.88 30.25 -10.64
C LYS B 44 -8.78 29.76 -9.18
N LEU B 45 -9.94 29.68 -8.54
CA LEU B 45 -10.03 29.27 -7.14
C LEU B 45 -9.28 27.98 -6.82
N GLU B 46 -9.48 26.96 -7.65
CA GLU B 46 -8.94 25.62 -7.40
C GLU B 46 -7.41 25.55 -7.54
N GLU B 47 -6.83 26.58 -8.17
CA GLU B 47 -5.39 26.69 -8.30
C GLU B 47 -4.83 27.65 -7.25
N LYS B 48 -5.53 28.75 -7.03
CA LYS B 48 -5.08 29.81 -6.11
C LYS B 48 -5.00 29.34 -4.66
N PHE B 49 -5.74 28.28 -4.33
CA PHE B 49 -5.75 27.72 -2.99
C PHE B 49 -4.44 27.02 -2.58
N PRO B 50 -4.00 25.99 -3.33
CA PRO B 50 -2.79 25.31 -2.84
C PRO B 50 -1.58 26.24 -2.85
N GLN B 51 -1.59 27.25 -3.71
CA GLN B 51 -0.56 28.29 -3.72
C GLN B 51 -0.51 29.05 -2.39
N VAL B 52 -1.65 29.55 -1.94
CA VAL B 52 -1.71 30.31 -0.68
C VAL B 52 -1.68 29.39 0.55
N ALA B 53 -2.57 28.39 0.61
CA ALA B 53 -2.68 27.47 1.76
C ALA B 53 -1.38 26.77 2.10
N ALA B 54 -0.54 26.54 1.10
CA ALA B 54 0.78 25.95 1.29
C ALA B 54 1.58 26.75 2.29
N THR B 55 1.50 28.07 2.15
CA THR B 55 2.31 29.03 2.90
C THR B 55 1.83 29.21 4.36
N GLY B 56 0.56 28.91 4.61
CA GLY B 56 -0.07 29.20 5.90
C GLY B 56 -0.97 30.43 5.84
N ASP B 57 -1.55 30.66 4.67
CA ASP B 57 -2.36 31.84 4.39
C ASP B 57 -3.61 31.41 3.60
N GLY B 58 -4.46 32.37 3.22
CA GLY B 58 -5.65 32.09 2.42
C GLY B 58 -6.95 32.13 3.20
N PRO B 59 -7.94 31.34 2.78
CA PRO B 59 -9.25 31.28 3.45
C PRO B 59 -9.29 30.26 4.57
N ASP B 60 -10.26 30.41 5.47
CA ASP B 60 -10.53 29.39 6.51
C ASP B 60 -11.19 28.15 5.87
N ILE B 61 -12.06 28.39 4.90
CA ILE B 61 -12.85 27.34 4.25
C ILE B 61 -12.78 27.45 2.71
N ILE B 62 -12.75 26.30 2.05
CA ILE B 62 -12.78 26.26 0.58
C ILE B 62 -13.87 25.33 0.06
N PHE B 63 -14.54 25.83 -0.99
CA PHE B 63 -15.59 25.15 -1.71
C PHE B 63 -15.17 24.81 -3.13
N TRP B 64 -15.25 23.52 -3.46
CA TRP B 64 -15.02 23.02 -4.81
C TRP B 64 -15.45 21.58 -4.86
N ALA B 65 -15.61 21.06 -6.08
CA ALA B 65 -15.87 19.63 -6.28
C ALA B 65 -14.75 18.80 -5.65
N HIS B 66 -15.11 17.59 -5.23
CA HIS B 66 -14.24 16.74 -4.41
C HIS B 66 -13.02 16.22 -5.17
N ASP B 67 -13.06 16.27 -6.50
CA ASP B 67 -11.97 15.71 -7.31
C ASP B 67 -10.61 16.31 -6.98
N ARG B 68 -10.57 17.59 -6.58
CA ARG B 68 -9.31 18.25 -6.25
C ARG B 68 -8.87 18.22 -4.78
N PHE B 69 -9.63 17.50 -3.96
CA PHE B 69 -9.42 17.53 -2.54
C PHE B 69 -8.37 16.50 -2.10
N GLY B 70 -8.27 15.39 -2.84
CA GLY B 70 -7.18 14.44 -2.64
C GLY B 70 -5.85 15.17 -2.73
N GLY B 71 -5.75 16.01 -3.75
CA GLY B 71 -4.57 16.83 -4.02
C GLY B 71 -4.18 17.79 -2.91
N TYR B 72 -5.18 18.30 -2.19
CA TYR B 72 -4.91 19.20 -1.08
C TYR B 72 -4.52 18.43 0.18
N ALA B 73 -5.15 17.28 0.36
CA ALA B 73 -4.92 16.43 1.53
C ALA B 73 -3.50 15.87 1.51
N GLN B 74 -3.05 15.46 0.33
CA GLN B 74 -1.71 14.93 0.13
C GLN B 74 -0.67 15.99 0.44
N SER B 75 -0.91 17.21 -0.06
CA SER B 75 -0.03 18.34 0.24
C SER B 75 -0.15 18.81 1.70
N GLY B 76 -1.06 18.17 2.44
CA GLY B 76 -1.34 18.50 3.84
C GLY B 76 -1.89 19.90 4.09
N LEU B 77 -2.87 20.32 3.30
CA LEU B 77 -3.42 21.69 3.38
C LEU B 77 -4.84 21.73 3.96
N LEU B 78 -5.43 20.55 4.12
CA LEU B 78 -6.76 20.39 4.67
C LEU B 78 -6.69 19.84 6.08
N ALA B 79 -7.46 20.44 6.97
CA ALA B 79 -7.60 19.92 8.33
C ALA B 79 -8.55 18.72 8.30
N GLU B 80 -8.32 17.77 9.19
CA GLU B 80 -9.19 16.61 9.29
C GLU B 80 -10.45 16.99 10.06
N ILE B 81 -11.59 16.98 9.36
CA ILE B 81 -12.88 17.27 9.97
C ILE B 81 -13.29 16.12 10.91
N THR B 82 -14.06 16.46 11.94
CA THR B 82 -14.44 15.49 12.97
C THR B 82 -15.93 15.59 13.35
N PRO B 83 -16.84 15.23 12.42
CA PRO B 83 -18.24 15.11 12.83
C PRO B 83 -18.49 13.73 13.45
N ASP B 84 -19.53 13.61 14.25
CA ASP B 84 -19.85 12.32 14.89
C ASP B 84 -20.92 11.51 14.13
N LYS B 85 -21.24 10.32 14.64
CA LYS B 85 -22.28 9.46 14.06
C LYS B 85 -23.56 10.23 13.74
N ALA B 86 -24.05 10.97 14.74
CA ALA B 86 -25.31 11.73 14.66
C ALA B 86 -25.40 12.75 13.53
N PHE B 87 -24.25 13.30 13.12
CA PHE B 87 -24.21 14.28 12.04
C PHE B 87 -24.01 13.66 10.66
N GLN B 88 -23.28 12.54 10.63
CA GLN B 88 -23.00 11.79 9.41
C GLN B 88 -24.22 11.00 8.96
N ASP B 89 -25.06 10.62 9.93
CA ASP B 89 -26.32 9.96 9.63
C ASP B 89 -27.32 10.90 8.94
N LYS B 90 -26.95 12.16 8.80
CA LYS B 90 -27.86 13.14 8.20
C LYS B 90 -27.52 13.45 6.74
N LEU B 91 -26.30 13.09 6.33
CA LEU B 91 -25.90 13.14 4.91
C LEU B 91 -25.86 11.73 4.32
N TYR B 92 -26.03 11.62 3.01
CA TYR B 92 -25.99 10.33 2.32
C TYR B 92 -24.58 9.77 2.35
N PRO B 93 -24.44 8.48 2.69
CA PRO B 93 -23.15 7.77 2.74
C PRO B 93 -22.20 7.95 1.53
N PHE B 94 -22.74 8.04 0.31
CA PHE B 94 -21.90 8.12 -0.89
C PHE B 94 -21.28 9.50 -1.10
N THR B 95 -21.80 10.49 -0.40
CA THR B 95 -21.20 11.83 -0.43
C THR B 95 -20.02 11.86 0.56
N TRP B 96 -20.12 11.03 1.60
CA TRP B 96 -19.00 10.85 2.52
C TRP B 96 -17.84 10.12 1.84
N ASP B 97 -18.14 9.16 0.96
CA ASP B 97 -17.09 8.44 0.24
C ASP B 97 -16.22 9.40 -0.56
N ALA B 98 -16.87 10.40 -1.16
CA ALA B 98 -16.22 11.41 -2.00
C ALA B 98 -15.23 12.32 -1.27
N VAL B 99 -15.41 12.48 0.03
CA VAL B 99 -14.50 13.30 0.82
C VAL B 99 -13.58 12.49 1.75
N ARG B 100 -13.50 11.19 1.50
CA ARG B 100 -12.60 10.33 2.26
C ARG B 100 -11.31 10.06 1.49
N TYR B 101 -10.21 10.62 1.99
CA TYR B 101 -8.89 10.30 1.43
C TYR B 101 -8.04 9.52 2.43
N ASN B 102 -7.74 8.27 2.07
CA ASN B 102 -6.96 7.33 2.89
C ASN B 102 -7.56 7.10 4.28
N GLY B 103 -8.87 6.87 4.30
CA GLY B 103 -9.61 6.62 5.53
C GLY B 103 -10.06 7.86 6.27
N LYS B 104 -9.53 9.02 5.89
CA LYS B 104 -9.84 10.26 6.61
C LYS B 104 -10.81 11.14 5.84
N LEU B 105 -11.85 11.60 6.53
CA LEU B 105 -12.75 12.61 6.01
C LEU B 105 -11.99 13.95 5.98
N ILE B 106 -12.00 14.60 4.82
CA ILE B 106 -11.25 15.85 4.67
C ILE B 106 -12.09 17.07 4.27
N ALA B 107 -13.38 16.86 3.97
CA ALA B 107 -14.33 17.97 3.70
C ALA B 107 -15.77 17.57 3.95
N TYR B 108 -16.64 18.58 4.02
CA TYR B 108 -18.07 18.33 4.14
C TYR B 108 -18.67 18.29 2.76
N PRO B 109 -19.45 17.24 2.46
CA PRO B 109 -20.16 17.23 1.19
C PRO B 109 -21.38 18.14 1.23
N ILE B 110 -21.62 18.86 0.14
CA ILE B 110 -22.71 19.81 0.08
C ILE B 110 -23.76 19.33 -0.92
N ALA B 111 -23.35 19.11 -2.16
CA ALA B 111 -24.30 18.68 -3.20
C ALA B 111 -23.67 17.89 -4.32
N VAL B 112 -24.50 17.15 -5.04
CA VAL B 112 -24.11 16.37 -6.20
C VAL B 112 -24.43 17.15 -7.49
N GLU B 113 -23.40 17.41 -8.29
CA GLU B 113 -23.61 18.06 -9.58
C GLU B 113 -23.37 17.09 -10.73
N ALA B 114 -24.27 17.12 -11.70
CA ALA B 114 -24.06 16.46 -12.99
C ALA B 114 -24.54 17.36 -14.13
N LEU B 115 -23.90 17.24 -15.30
CA LEU B 115 -24.31 17.99 -16.47
C LEU B 115 -25.58 17.41 -17.09
N SER B 116 -26.44 18.27 -17.60
CA SER B 116 -27.59 17.82 -18.38
C SER B 116 -27.65 18.59 -19.71
N LEU B 117 -28.52 18.13 -20.61
CA LEU B 117 -28.83 18.86 -21.83
C LEU B 117 -29.97 19.82 -21.56
N ILE B 118 -29.68 21.11 -21.62
CA ILE B 118 -30.69 22.13 -21.48
C ILE B 118 -31.07 22.57 -22.88
N TYR B 119 -32.38 22.73 -23.11
CA TYR B 119 -32.87 23.09 -24.42
C TYR B 119 -34.06 24.05 -24.37
N ASN B 120 -34.18 24.83 -25.44
CA ASN B 120 -35.25 25.80 -25.63
C ASN B 120 -36.44 25.09 -26.23
N LYS B 121 -37.52 24.97 -25.47
CA LYS B 121 -38.73 24.26 -25.91
C LYS B 121 -39.45 24.93 -27.08
N ASP B 122 -39.33 26.24 -27.20
CA ASP B 122 -39.97 26.94 -28.31
C ASP B 122 -39.29 26.68 -29.63
N LEU B 123 -37.96 26.74 -29.64
CA LEU B 123 -37.15 26.46 -30.83
C LEU B 123 -37.06 24.96 -31.13
N LEU B 124 -37.02 24.15 -30.08
CA LEU B 124 -36.90 22.69 -30.17
C LEU B 124 -37.84 21.95 -29.21
N PRO B 125 -39.12 21.79 -29.57
CA PRO B 125 -40.04 21.06 -28.67
C PRO B 125 -39.59 19.62 -28.35
N ASN B 126 -38.83 19.01 -29.27
CA ASN B 126 -38.35 17.65 -29.08
C ASN B 126 -36.85 17.58 -29.35
N PRO B 127 -36.05 17.62 -28.27
CA PRO B 127 -34.60 17.61 -28.36
C PRO B 127 -34.05 16.27 -28.90
N PRO B 128 -32.90 16.31 -29.61
CA PRO B 128 -32.31 15.10 -30.21
C PRO B 128 -31.85 14.11 -29.15
N LYS B 129 -32.08 12.81 -29.38
CA LYS B 129 -31.63 11.80 -28.44
C LYS B 129 -30.20 11.32 -28.72
N THR B 130 -29.65 11.70 -29.87
CA THR B 130 -28.32 11.25 -30.31
C THR B 130 -27.48 12.45 -30.76
N TRP B 131 -26.17 12.42 -30.48
CA TRP B 131 -25.25 13.49 -30.92
C TRP B 131 -25.24 13.58 -32.44
N GLU B 132 -25.29 12.43 -33.09
CA GLU B 132 -25.19 12.31 -34.56
C GLU B 132 -26.22 13.12 -35.37
N GLU B 133 -27.40 13.40 -34.82
CA GLU B 133 -28.38 14.19 -35.57
C GLU B 133 -28.25 15.71 -35.37
N ILE B 134 -27.36 16.14 -34.48
CA ILE B 134 -27.13 17.55 -34.22
C ILE B 134 -26.62 18.39 -35.41
N PRO B 135 -25.69 17.84 -36.23
CA PRO B 135 -25.26 18.54 -37.44
C PRO B 135 -26.42 19.01 -38.34
N ALA B 136 -27.31 18.09 -38.72
CA ALA B 136 -28.48 18.41 -39.54
C ALA B 136 -29.40 19.42 -38.83
N LEU B 137 -29.51 19.27 -37.51
CA LEU B 137 -30.36 20.12 -36.72
C LEU B 137 -29.80 21.52 -36.72
N ASP B 138 -28.47 21.64 -36.69
CA ASP B 138 -27.87 22.98 -36.77
C ASP B 138 -28.07 23.64 -38.14
N LYS B 139 -28.05 22.84 -39.21
CA LYS B 139 -28.28 23.37 -40.55
C LYS B 139 -29.65 24.01 -40.70
N GLU B 140 -30.69 23.37 -40.17
CA GLU B 140 -32.05 23.92 -40.16
C GLU B 140 -32.11 25.23 -39.35
N LEU B 141 -31.54 25.21 -38.16
CA LEU B 141 -31.54 26.38 -37.28
C LEU B 141 -30.74 27.58 -37.80
N LYS B 142 -29.63 27.29 -38.51
CA LYS B 142 -28.85 28.32 -39.20
C LYS B 142 -29.66 29.08 -40.22
N ALA B 143 -30.53 28.35 -40.92
CA ALA B 143 -31.37 28.97 -41.94
C ALA B 143 -32.42 29.90 -41.32
N LYS B 144 -32.69 29.70 -40.04
CA LYS B 144 -33.56 30.63 -39.29
C LYS B 144 -32.71 31.66 -38.54
N GLY B 145 -31.40 31.64 -38.77
CA GLY B 145 -30.50 32.61 -38.16
C GLY B 145 -30.23 32.33 -36.69
N LYS B 146 -30.21 31.05 -36.35
CA LYS B 146 -29.96 30.58 -34.99
C LYS B 146 -28.87 29.54 -35.09
N SER B 147 -28.69 28.77 -34.03
CA SER B 147 -27.85 27.59 -34.07
C SER B 147 -28.41 26.53 -33.13
N ALA B 148 -27.87 25.32 -33.25
CA ALA B 148 -28.34 24.17 -32.49
C ALA B 148 -27.77 24.12 -31.09
N LEU B 149 -26.47 24.30 -30.97
CA LEU B 149 -25.79 23.94 -29.75
C LEU B 149 -24.62 24.84 -29.44
N MET B 150 -24.64 25.43 -28.25
CA MET B 150 -23.47 26.12 -27.72
C MET B 150 -23.22 25.72 -26.30
N PHE B 151 -21.98 25.40 -26.02
CA PHE B 151 -21.55 25.13 -24.66
C PHE B 151 -20.06 25.36 -24.54
N ASN B 152 -19.59 25.35 -23.29
CA ASN B 152 -18.25 25.81 -23.00
C ASN B 152 -17.23 24.81 -23.51
N LEU B 153 -16.47 25.23 -24.53
CA LEU B 153 -15.46 24.39 -25.17
C LEU B 153 -14.09 24.59 -24.55
N GLN B 154 -14.03 25.40 -23.51
CA GLN B 154 -12.75 25.76 -22.88
C GLN B 154 -12.45 24.90 -21.67
N GLU B 155 -13.45 24.17 -21.17
CA GLU B 155 -13.24 23.35 -19.99
C GLU B 155 -13.57 21.90 -20.31
N PRO B 156 -12.60 20.98 -20.12
CA PRO B 156 -12.79 19.59 -20.51
C PRO B 156 -13.97 18.92 -19.80
N TYR B 157 -14.38 19.48 -18.67
CA TYR B 157 -15.56 19.04 -17.93
C TYR B 157 -16.78 18.93 -18.85
N PHE B 158 -16.98 19.91 -19.71
CA PHE B 158 -18.16 19.93 -20.58
C PHE B 158 -18.04 19.03 -21.81
N THR B 159 -16.83 18.69 -22.22
CA THR B 159 -16.68 17.82 -23.41
C THR B 159 -16.46 16.37 -23.01
N TRP B 160 -16.02 16.16 -21.77
CA TRP B 160 -15.81 14.82 -21.23
C TRP B 160 -16.98 13.85 -21.43
N PRO B 161 -18.23 14.31 -21.23
CA PRO B 161 -19.36 13.38 -21.40
C PRO B 161 -19.35 12.69 -22.75
N LEU B 162 -18.90 13.42 -23.77
CA LEU B 162 -18.87 12.92 -25.15
C LEU B 162 -17.66 12.03 -25.39
N ILE B 163 -16.53 12.37 -24.76
CA ILE B 163 -15.32 11.57 -24.86
C ILE B 163 -15.47 10.23 -24.11
N ALA B 164 -16.11 10.27 -22.95
CA ALA B 164 -16.33 9.04 -22.18
C ALA B 164 -17.35 8.12 -22.86
N ALA B 165 -18.29 8.71 -23.59
CA ALA B 165 -19.46 8.00 -24.10
C ALA B 165 -19.14 6.62 -24.65
N ASP B 166 -18.17 6.55 -25.57
CA ASP B 166 -17.89 5.29 -26.28
C ASP B 166 -16.65 4.54 -25.75
N GLY B 167 -16.29 4.79 -24.49
CA GLY B 167 -15.21 4.05 -23.85
C GLY B 167 -14.07 4.88 -23.27
N GLY B 168 -14.09 6.20 -23.44
CA GLY B 168 -13.08 7.07 -22.84
C GLY B 168 -13.15 7.04 -21.33
N TYR B 169 -11.98 6.98 -20.66
CA TYR B 169 -11.91 7.10 -19.19
C TYR B 169 -10.66 7.81 -18.68
N ALA B 170 -10.75 8.30 -17.46
CA ALA B 170 -9.62 8.88 -16.75
C ALA B 170 -8.67 7.76 -16.30
N PHE B 171 -8.85 7.29 -15.06
CA PHE B 171 -8.01 6.23 -14.49
C PHE B 171 -8.77 4.91 -14.33
N LYS B 172 -8.11 3.79 -14.59
CA LYS B 172 -8.75 2.48 -14.42
C LYS B 172 -8.98 2.18 -12.94
N TYR B 173 -10.18 1.71 -12.63
CA TYR B 173 -10.49 1.27 -11.28
C TYR B 173 -10.40 -0.25 -11.19
N GLU B 174 -9.36 -0.76 -10.52
CA GLU B 174 -9.20 -2.19 -10.28
C GLU B 174 -8.78 -2.46 -8.84
N ASN B 175 -9.25 -3.59 -8.31
CA ASN B 175 -8.92 -4.07 -6.96
C ASN B 175 -8.84 -2.98 -5.88
N GLY B 176 -9.94 -2.25 -5.70
CA GLY B 176 -10.05 -1.25 -4.63
C GLY B 176 -9.49 0.12 -4.97
N LYS B 177 -8.36 0.14 -5.69
CA LYS B 177 -7.63 1.37 -5.99
C LYS B 177 -7.84 1.86 -7.42
N TYR B 178 -7.60 3.15 -7.64
CA TYR B 178 -7.48 3.68 -8.99
C TYR B 178 -6.04 3.50 -9.45
N ASP B 179 -5.87 2.95 -10.64
CA ASP B 179 -4.54 2.64 -11.19
C ASP B 179 -4.04 3.81 -12.02
N ILE B 180 -3.20 4.62 -11.39
CA ILE B 180 -2.71 5.90 -11.94
C ILE B 180 -1.83 5.74 -13.17
N LYS B 181 -1.47 4.50 -13.48
CA LYS B 181 -0.65 4.19 -14.62
C LYS B 181 -1.50 3.72 -15.82
N ASP B 182 -2.81 3.56 -15.61
CA ASP B 182 -3.70 3.15 -16.71
C ASP B 182 -4.77 4.22 -17.03
N VAL B 183 -4.42 5.06 -18.00
CA VAL B 183 -5.21 6.20 -18.42
C VAL B 183 -5.90 5.81 -19.70
N GLY B 184 -7.18 6.19 -19.85
CA GLY B 184 -7.97 5.82 -21.03
C GLY B 184 -8.38 7.03 -21.84
N VAL B 185 -7.44 7.94 -22.05
CA VAL B 185 -7.72 9.18 -22.76
C VAL B 185 -7.32 9.07 -24.23
N ASP B 186 -6.77 7.92 -24.59
CA ASP B 186 -6.21 7.74 -25.93
C ASP B 186 -6.73 6.45 -26.59
N ASN B 187 -7.81 5.87 -26.06
CA ASN B 187 -8.40 4.69 -26.67
C ASN B 187 -9.34 5.06 -27.82
N ALA B 188 -9.85 4.05 -28.52
CA ALA B 188 -10.71 4.22 -29.69
C ALA B 188 -11.93 5.09 -29.37
N GLY B 189 -12.51 4.86 -28.19
CA GLY B 189 -13.67 5.60 -27.72
C GLY B 189 -13.40 7.08 -27.55
N ALA B 190 -12.31 7.41 -26.85
CA ALA B 190 -11.89 8.79 -26.67
C ALA B 190 -11.64 9.45 -28.01
N LYS B 191 -10.91 8.75 -28.89
CA LYS B 191 -10.66 9.27 -30.24
C LYS B 191 -11.98 9.59 -30.95
N ALA B 192 -12.94 8.66 -30.86
CA ALA B 192 -14.16 8.79 -31.66
C ALA B 192 -15.01 9.96 -31.15
N GLY B 193 -15.11 10.08 -29.84
CA GLY B 193 -15.82 11.19 -29.21
C GLY B 193 -15.17 12.52 -29.55
N LEU B 194 -13.86 12.60 -29.37
CA LEU B 194 -13.16 13.86 -29.66
C LEU B 194 -13.19 14.19 -31.15
N THR B 195 -13.07 13.17 -32.00
CA THR B 195 -13.12 13.35 -33.45
C THR B 195 -14.47 13.93 -33.85
N PHE B 196 -15.54 13.43 -33.22
CA PHE B 196 -16.87 13.96 -33.47
C PHE B 196 -17.02 15.45 -33.13
N LEU B 197 -16.51 15.86 -31.96
CA LEU B 197 -16.51 17.27 -31.56
C LEU B 197 -15.73 18.13 -32.55
N VAL B 198 -14.55 17.67 -32.93
CA VAL B 198 -13.68 18.44 -33.81
C VAL B 198 -14.36 18.65 -35.16
N ASP B 199 -15.03 17.62 -35.66
CA ASP B 199 -15.77 17.74 -36.92
C ASP B 199 -16.90 18.75 -36.85
N LEU B 200 -17.64 18.79 -35.75
CA LEU B 200 -18.67 19.82 -35.60
C LEU B 200 -18.08 21.20 -35.83
N ILE B 201 -16.81 21.37 -35.48
CA ILE B 201 -16.16 22.67 -35.59
C ILE B 201 -15.70 22.95 -37.00
N LYS B 202 -14.98 22.00 -37.61
CA LYS B 202 -14.61 22.14 -39.04
C LYS B 202 -15.84 22.43 -39.89
N ASN B 203 -16.95 21.77 -39.58
CA ASN B 203 -18.19 21.94 -40.33
C ASN B 203 -19.01 23.13 -39.85
N LYS B 204 -18.42 23.96 -39.01
CA LYS B 204 -18.98 25.22 -38.53
C LYS B 204 -20.31 25.16 -37.79
N HIS B 205 -20.61 23.99 -37.22
CA HIS B 205 -21.74 23.83 -36.30
C HIS B 205 -21.41 24.32 -34.88
N MET B 206 -20.12 24.51 -34.59
CA MET B 206 -19.64 25.17 -33.37
C MET B 206 -18.39 25.99 -33.65
N ASN B 207 -18.08 26.91 -32.74
CA ASN B 207 -16.90 27.75 -32.79
C ASN B 207 -15.93 27.41 -31.65
N ALA B 208 -14.65 27.23 -31.96
CA ALA B 208 -13.67 26.80 -30.93
C ALA B 208 -13.43 27.80 -29.79
N ASP B 209 -13.69 29.08 -30.04
CA ASP B 209 -13.61 30.16 -29.04
C ASP B 209 -14.71 30.13 -27.99
N THR B 210 -15.83 29.49 -28.30
CA THR B 210 -17.00 29.53 -27.42
C THR B 210 -16.68 29.14 -25.97
N ASP B 211 -16.99 30.05 -25.04
CA ASP B 211 -16.70 29.80 -23.62
C ASP B 211 -17.94 29.82 -22.76
N TYR B 212 -17.75 29.82 -21.44
CA TYR B 212 -18.88 29.74 -20.57
C TYR B 212 -19.83 30.91 -20.78
N SER B 213 -19.30 32.13 -20.79
CA SER B 213 -20.17 33.31 -20.86
C SER B 213 -20.79 33.50 -22.23
N ILE B 214 -20.05 33.21 -23.29
CA ILE B 214 -20.61 33.24 -24.65
C ILE B 214 -21.82 32.30 -24.79
N ALA B 215 -21.69 31.08 -24.28
CA ALA B 215 -22.74 30.07 -24.42
C ALA B 215 -23.95 30.37 -23.55
N GLU B 216 -23.70 30.88 -22.35
CA GLU B 216 -24.78 31.18 -21.43
C GLU B 216 -25.64 32.32 -22.00
N ALA B 217 -24.98 33.39 -22.42
CA ALA B 217 -25.68 34.57 -22.94
C ALA B 217 -26.49 34.24 -24.19
N ALA B 218 -25.90 33.43 -25.06
CA ALA B 218 -26.56 33.08 -26.31
C ALA B 218 -27.84 32.32 -26.03
N PHE B 219 -27.74 31.33 -25.13
CA PHE B 219 -28.91 30.52 -24.79
C PHE B 219 -30.01 31.33 -24.09
N ASN B 220 -29.64 32.22 -23.20
CA ASN B 220 -30.61 32.98 -22.41
C ASN B 220 -31.23 34.14 -23.20
N LYS B 221 -30.60 34.51 -24.33
CA LYS B 221 -31.15 35.48 -25.28
C LYS B 221 -31.99 34.79 -26.37
N GLY B 222 -32.00 33.46 -26.35
CA GLY B 222 -32.77 32.70 -27.34
C GLY B 222 -32.11 32.53 -28.70
N GLU B 223 -30.77 32.61 -28.75
CA GLU B 223 -30.07 32.54 -30.03
C GLU B 223 -29.63 31.15 -30.43
N THR B 224 -29.59 30.24 -29.46
CA THR B 224 -29.21 28.84 -29.66
C THR B 224 -30.22 27.90 -29.02
N ALA B 225 -30.50 26.76 -29.65
CA ALA B 225 -31.55 25.85 -29.15
C ALA B 225 -31.14 25.00 -27.95
N MET B 226 -29.86 24.69 -27.84
CA MET B 226 -29.38 23.81 -26.78
C MET B 226 -28.11 24.31 -26.15
N THR B 227 -27.95 24.00 -24.88
CA THR B 227 -26.69 24.18 -24.15
C THR B 227 -26.43 22.98 -23.24
N ILE B 228 -25.21 22.91 -22.74
CA ILE B 228 -24.82 21.88 -21.77
C ILE B 228 -24.33 22.59 -20.51
N ASN B 229 -24.97 22.30 -19.39
CA ASN B 229 -24.60 22.93 -18.16
C ASN B 229 -25.15 22.17 -16.97
N GLY B 230 -24.87 22.68 -15.77
CA GLY B 230 -25.34 22.05 -14.55
C GLY B 230 -26.40 22.89 -13.89
N PRO B 231 -26.89 22.45 -12.72
CA PRO B 231 -27.95 23.09 -11.91
C PRO B 231 -27.73 24.56 -11.57
N TRP B 232 -26.49 24.97 -11.32
CA TRP B 232 -26.20 26.37 -10.97
C TRP B 232 -26.70 27.34 -12.06
N ALA B 233 -26.83 26.82 -13.27
CA ALA B 233 -27.24 27.60 -14.44
C ALA B 233 -28.74 27.84 -14.55
N TRP B 234 -29.56 27.02 -13.89
CA TRP B 234 -31.02 27.10 -14.08
C TRP B 234 -31.59 28.44 -13.64
N SER B 235 -31.01 29.01 -12.60
CA SER B 235 -31.46 30.25 -12.04
C SER B 235 -31.46 31.39 -13.08
N ASN B 236 -30.37 31.50 -13.83
CA ASN B 236 -30.26 32.50 -14.88
C ASN B 236 -31.20 32.28 -16.04
N ILE B 237 -31.56 31.02 -16.29
CA ILE B 237 -32.53 30.71 -17.32
C ILE B 237 -33.94 31.08 -16.87
N ASP B 238 -34.28 30.84 -15.59
CA ASP B 238 -35.56 31.27 -15.04
C ASP B 238 -35.77 32.75 -15.29
N THR B 239 -34.81 33.57 -14.87
CA THR B 239 -34.84 35.03 -15.10
C THR B 239 -35.11 35.41 -16.57
N SER B 240 -34.41 34.76 -17.50
CA SER B 240 -34.58 35.02 -18.93
C SER B 240 -35.97 34.66 -19.44
N LYS B 241 -36.28 35.08 -20.67
CA LYS B 241 -37.54 34.63 -21.29
C LYS B 241 -37.70 33.08 -21.20
N VAL B 242 -36.59 32.38 -21.40
CA VAL B 242 -36.57 31.08 -22.06
C VAL B 242 -37.41 29.99 -21.44
N ASN B 243 -38.33 29.47 -22.24
CA ASN B 243 -39.08 28.27 -21.91
C ASN B 243 -38.15 27.07 -22.11
N TYR B 244 -37.50 26.62 -21.04
CA TYR B 244 -36.48 25.58 -21.13
C TYR B 244 -36.88 24.23 -20.55
N GLY B 245 -36.30 23.17 -21.11
CA GLY B 245 -36.37 21.86 -20.51
C GLY B 245 -34.98 21.39 -20.17
N VAL B 246 -34.87 20.63 -19.09
CA VAL B 246 -33.61 20.01 -18.70
C VAL B 246 -33.75 18.50 -18.91
N THR B 247 -32.84 17.89 -19.67
CA THR B 247 -33.01 16.49 -20.05
C THR B 247 -31.72 15.67 -20.07
N VAL B 248 -31.87 14.36 -20.28
CA VAL B 248 -30.75 13.45 -20.40
C VAL B 248 -29.90 13.86 -21.61
N LEU B 249 -28.58 13.69 -21.49
CA LEU B 249 -27.64 14.01 -22.57
C LEU B 249 -27.88 13.11 -23.77
N PRO B 250 -27.52 13.58 -24.99
CA PRO B 250 -27.63 12.71 -26.17
C PRO B 250 -26.71 11.49 -26.09
N THR B 251 -27.01 10.46 -26.87
CA THR B 251 -26.18 9.28 -26.96
C THR B 251 -25.13 9.50 -28.04
N PHE B 252 -24.04 8.74 -27.95
CA PHE B 252 -23.04 8.73 -29.01
C PHE B 252 -22.74 7.29 -29.30
N LYS B 253 -22.65 6.97 -30.59
CA LYS B 253 -22.63 5.58 -31.07
C LYS B 253 -23.57 4.63 -30.30
N GLY B 254 -24.80 5.11 -30.04
CA GLY B 254 -25.79 4.34 -29.29
C GLY B 254 -25.49 4.24 -27.79
N GLN B 255 -24.41 4.89 -27.36
CA GLN B 255 -23.97 4.84 -25.96
C GLN B 255 -24.32 6.11 -25.20
N PRO B 256 -24.79 5.98 -23.96
CA PRO B 256 -25.12 7.16 -23.15
C PRO B 256 -23.86 8.00 -22.87
N SER B 257 -24.01 9.32 -22.88
CA SER B 257 -22.93 10.20 -22.46
C SER B 257 -22.68 9.99 -20.98
N LYS B 258 -21.39 10.03 -20.61
CA LYS B 258 -20.95 9.68 -19.26
C LYS B 258 -20.26 10.88 -18.59
N PRO B 259 -21.04 11.77 -17.98
CA PRO B 259 -20.41 12.91 -17.37
C PRO B 259 -19.72 12.56 -16.05
N PHE B 260 -18.74 13.37 -15.67
CA PHE B 260 -18.14 13.20 -14.39
C PHE B 260 -18.98 13.88 -13.33
N VAL B 261 -19.31 13.13 -12.29
CA VAL B 261 -20.15 13.65 -11.24
C VAL B 261 -19.29 14.22 -10.11
N GLY B 262 -19.57 15.45 -9.73
CA GLY B 262 -18.83 16.11 -8.67
C GLY B 262 -19.68 16.32 -7.44
N VAL B 263 -19.04 16.24 -6.27
CA VAL B 263 -19.64 16.61 -5.02
C VAL B 263 -19.05 17.94 -4.55
N LEU B 264 -19.88 18.98 -4.54
CA LEU B 264 -19.44 20.26 -4.00
C LEU B 264 -19.07 20.06 -2.51
N SER B 265 -17.96 20.63 -2.08
CA SER B 265 -17.42 20.31 -0.77
C SER B 265 -16.77 21.49 -0.03
N ALA B 266 -16.89 21.45 1.30
CA ALA B 266 -16.29 22.47 2.17
C ALA B 266 -15.18 21.89 3.02
N GLY B 267 -13.95 22.23 2.65
CA GLY B 267 -12.78 21.81 3.41
C GLY B 267 -12.33 22.95 4.29
N ILE B 268 -11.47 22.63 5.25
CA ILE B 268 -11.00 23.62 6.22
C ILE B 268 -9.49 23.69 6.12
N ASN B 269 -9.00 24.92 5.90
CA ASN B 269 -7.57 25.23 5.81
C ASN B 269 -6.80 24.84 7.07
N ALA B 270 -5.77 24.00 6.88
CA ALA B 270 -4.99 23.44 7.98
C ALA B 270 -4.31 24.48 8.87
N ALA B 271 -3.86 25.59 8.25
CA ALA B 271 -3.10 26.62 8.97
C ALA B 271 -3.97 27.62 9.76
N SER B 272 -5.26 27.71 9.41
CA SER B 272 -6.21 28.60 10.09
C SER B 272 -6.36 28.30 11.58
N PRO B 273 -6.45 29.35 12.42
CA PRO B 273 -6.68 29.15 13.85
C PRO B 273 -8.17 29.17 14.21
N ASN B 274 -9.02 29.12 13.18
CA ASN B 274 -10.46 29.28 13.37
C ASN B 274 -11.24 28.00 13.00
N LYS B 275 -10.55 26.87 13.10
CA LYS B 275 -11.07 25.57 12.70
C LYS B 275 -12.41 25.19 13.33
N GLU B 276 -12.58 25.51 14.62
CA GLU B 276 -13.80 25.17 15.34
C GLU B 276 -14.97 26.09 14.97
N LEU B 277 -14.69 27.40 14.92
CA LEU B 277 -15.65 28.37 14.37
C LEU B 277 -16.15 27.96 12.97
N ALA B 278 -15.25 27.54 12.10
CA ALA B 278 -15.61 27.07 10.76
C ALA B 278 -16.45 25.80 10.82
N LYS B 279 -16.10 24.88 11.72
CA LYS B 279 -16.83 23.65 11.95
C LYS B 279 -18.24 23.92 12.44
N GLU B 280 -18.39 24.93 13.30
CA GLU B 280 -19.70 25.31 13.81
C GLU B 280 -20.58 26.02 12.75
N PHE B 281 -19.93 26.68 11.79
CA PHE B 281 -20.64 27.36 10.70
C PHE B 281 -21.17 26.39 9.64
N LEU B 282 -20.34 25.40 9.32
CA LEU B 282 -20.68 24.40 8.31
C LEU B 282 -21.66 23.38 8.86
N GLU B 283 -21.44 22.93 10.10
CA GLU B 283 -22.30 21.91 10.69
C GLU B 283 -23.65 22.43 11.15
N ASN B 284 -23.64 23.55 11.88
CA ASN B 284 -24.86 24.08 12.49
C ASN B 284 -25.60 25.18 11.71
N TYR B 285 -24.96 25.69 10.67
CA TYR B 285 -25.55 26.81 9.91
C TYR B 285 -25.75 26.51 8.41
N LEU B 286 -24.73 26.00 7.74
CA LEU B 286 -24.84 25.72 6.29
C LEU B 286 -25.59 24.42 5.95
N LEU B 287 -25.13 23.31 6.52
CA LEU B 287 -25.78 22.03 6.31
C LEU B 287 -27.05 21.87 7.16
N THR B 288 -27.86 22.93 7.16
CA THR B 288 -29.23 22.88 7.67
C THR B 288 -30.16 23.14 6.48
N ASP B 289 -31.45 22.86 6.63
CA ASP B 289 -32.38 23.16 5.55
C ASP B 289 -32.47 24.66 5.25
N GLU B 290 -32.55 25.48 6.31
CA GLU B 290 -32.49 26.94 6.19
C GLU B 290 -31.20 27.42 5.52
N GLY B 291 -30.09 26.80 5.87
CA GLY B 291 -28.78 27.13 5.28
C GLY B 291 -28.69 26.79 3.80
N LEU B 292 -29.02 25.54 3.47
CA LEU B 292 -28.95 25.05 2.11
C LEU B 292 -29.95 25.74 1.19
N GLU B 293 -31.14 26.02 1.71
CA GLU B 293 -32.17 26.71 0.95
C GLU B 293 -31.73 28.12 0.55
N ALA B 294 -31.13 28.85 1.49
CA ALA B 294 -30.63 30.19 1.20
C ALA B 294 -29.66 30.21 0.01
N VAL B 295 -28.72 29.27 -0.03
CA VAL B 295 -27.76 29.18 -1.13
C VAL B 295 -28.45 28.71 -2.40
N ASN B 296 -29.32 27.72 -2.25
CA ASN B 296 -30.05 27.15 -3.39
C ASN B 296 -30.99 28.15 -4.08
N LYS B 297 -31.68 28.97 -3.29
CA LYS B 297 -32.59 29.95 -3.87
C LYS B 297 -31.83 31.08 -4.59
N ASP B 298 -30.50 31.00 -4.57
CA ASP B 298 -29.66 31.92 -5.33
C ASP B 298 -29.20 31.22 -6.62
N LYS B 299 -28.49 30.11 -6.49
CA LYS B 299 -28.19 29.22 -7.62
C LYS B 299 -28.50 27.80 -7.18
N PRO B 300 -29.28 27.06 -7.97
CA PRO B 300 -29.56 25.69 -7.57
C PRO B 300 -28.29 24.88 -7.37
N LEU B 301 -28.34 23.93 -6.45
CA LEU B 301 -27.18 23.13 -6.03
C LEU B 301 -27.14 21.76 -6.69
N GLY B 302 -28.26 21.29 -7.19
CA GLY B 302 -28.35 19.93 -7.69
C GLY B 302 -28.97 19.08 -6.59
N ALA B 303 -28.57 17.82 -6.51
CA ALA B 303 -28.99 16.95 -5.42
C ALA B 303 -28.12 17.22 -4.20
N VAL B 304 -28.74 17.74 -3.14
CA VAL B 304 -27.94 18.11 -1.97
C VAL B 304 -27.51 16.88 -1.16
N ALA B 305 -26.52 17.06 -0.30
CA ALA B 305 -26.00 15.98 0.51
C ALA B 305 -26.81 15.73 1.78
N LEU B 306 -27.71 16.65 2.13
CA LEU B 306 -28.53 16.56 3.34
C LEU B 306 -29.86 15.86 3.08
N LYS B 307 -30.09 14.76 3.80
CA LYS B 307 -31.29 13.93 3.64
C LYS B 307 -32.61 14.69 3.81
N SER B 308 -32.66 15.58 4.79
CA SER B 308 -33.88 16.31 5.14
C SER B 308 -34.34 17.32 4.08
N TYR B 309 -33.41 17.79 3.26
CA TYR B 309 -33.68 18.80 2.21
C TYR B 309 -33.82 18.21 0.80
N GLU B 310 -33.05 17.15 0.50
CA GLU B 310 -33.15 16.46 -0.79
C GLU B 310 -34.52 15.81 -1.00
N GLU B 311 -35.08 15.23 0.06
CA GLU B 311 -36.42 14.65 0.04
C GLU B 311 -37.41 15.51 -0.76
N GLU B 312 -37.42 16.82 -0.48
CA GLU B 312 -38.21 17.80 -1.21
C GLU B 312 -37.64 17.98 -2.63
N LEU B 313 -36.37 18.39 -2.70
CA LEU B 313 -35.66 18.69 -3.96
C LEU B 313 -35.76 17.61 -5.03
N ALA B 314 -35.87 16.36 -4.59
CA ALA B 314 -35.96 15.21 -5.48
C ALA B 314 -37.25 15.24 -6.33
N LYS B 315 -38.23 16.02 -5.87
CA LYS B 315 -39.52 16.07 -6.53
C LYS B 315 -39.51 16.93 -7.80
N ASP B 316 -38.43 17.70 -7.97
CA ASP B 316 -38.23 18.54 -9.15
C ASP B 316 -37.75 17.68 -10.33
N PRO B 317 -38.48 17.70 -11.45
CA PRO B 317 -38.09 16.95 -12.66
C PRO B 317 -36.70 17.32 -13.21
N ARG B 318 -36.29 18.57 -13.02
CA ARG B 318 -34.94 19.01 -13.40
C ARG B 318 -33.90 18.28 -12.54
N ILE B 319 -34.19 18.11 -11.26
CA ILE B 319 -33.33 17.34 -10.35
C ILE B 319 -33.38 15.84 -10.68
N ALA B 320 -34.51 15.36 -11.18
CA ALA B 320 -34.59 13.99 -11.66
C ALA B 320 -33.60 13.79 -12.82
N ALA B 321 -33.60 14.73 -13.76
CA ALA B 321 -32.74 14.64 -14.94
C ALA B 321 -31.25 14.69 -14.59
N THR B 322 -30.89 15.63 -13.70
CA THR B 322 -29.56 15.69 -13.09
C THR B 322 -29.15 14.33 -12.53
N MET B 323 -30.07 13.62 -11.86
CA MET B 323 -29.75 12.29 -11.30
C MET B 323 -29.64 11.20 -12.34
N GLU B 324 -30.51 11.26 -13.35
CA GLU B 324 -30.44 10.33 -14.48
C GLU B 324 -29.08 10.38 -15.16
N ASN B 325 -28.61 11.59 -15.50
CA ASN B 325 -27.28 11.76 -16.10
C ASN B 325 -26.17 11.32 -15.16
N ALA B 326 -26.33 11.62 -13.86
CA ALA B 326 -25.37 11.22 -12.84
C ALA B 326 -25.20 9.71 -12.78
N GLN B 327 -26.32 8.97 -12.80
CA GLN B 327 -26.30 7.50 -12.86
C GLN B 327 -25.56 6.92 -14.06
N LYS B 328 -25.49 7.69 -15.14
CA LYS B 328 -24.87 7.21 -16.38
C LYS B 328 -23.38 7.57 -16.43
N GLY B 329 -22.96 8.51 -15.60
CA GLY B 329 -21.54 8.85 -15.47
C GLY B 329 -20.87 8.16 -14.29
N GLU B 330 -19.61 8.53 -14.05
CA GLU B 330 -18.86 8.07 -12.88
C GLU B 330 -18.75 9.23 -11.90
N ILE B 331 -18.76 8.93 -10.60
CA ILE B 331 -18.30 9.92 -9.64
C ILE B 331 -16.80 10.10 -9.89
N MET B 332 -16.32 11.33 -9.74
CA MET B 332 -14.92 11.61 -9.99
C MET B 332 -14.04 10.99 -8.94
N PRO B 333 -12.94 10.36 -9.38
CA PRO B 333 -11.85 10.04 -8.49
C PRO B 333 -11.38 11.29 -7.73
N ASN B 334 -10.99 11.12 -6.48
CA ASN B 334 -10.45 12.25 -5.71
C ASN B 334 -8.93 12.22 -5.61
N ILE B 335 -8.29 11.29 -6.33
CA ILE B 335 -6.83 11.09 -6.24
C ILE B 335 -6.03 12.33 -6.70
N PRO B 336 -4.78 12.47 -6.21
CA PRO B 336 -3.97 13.67 -6.52
C PRO B 336 -3.62 13.84 -8.00
N GLN B 337 -3.75 12.78 -8.76
CA GLN B 337 -3.37 12.79 -10.16
C GLN B 337 -4.46 13.42 -11.03
N MET B 338 -5.57 13.80 -10.39
CA MET B 338 -6.71 14.43 -11.08
C MET B 338 -6.35 15.77 -11.70
N SER B 339 -5.61 16.59 -10.99
CA SER B 339 -5.12 17.85 -11.53
C SER B 339 -4.44 17.64 -12.88
N ALA B 340 -3.50 16.69 -12.93
CA ALA B 340 -2.70 16.38 -14.11
C ALA B 340 -3.53 15.83 -15.28
N PHE B 341 -4.50 14.98 -14.97
CA PHE B 341 -5.46 14.49 -15.95
C PHE B 341 -6.26 15.66 -16.57
N TRP B 342 -6.92 16.46 -15.74
CA TRP B 342 -7.69 17.60 -16.24
C TRP B 342 -6.86 18.57 -17.07
N TYR B 343 -5.66 18.91 -16.60
CA TYR B 343 -4.78 19.78 -17.38
C TYR B 343 -4.45 19.17 -18.75
N ALA B 344 -4.16 17.87 -18.77
CA ALA B 344 -3.86 17.13 -19.99
C ALA B 344 -5.00 17.16 -21.00
N VAL B 345 -6.21 16.85 -20.55
CA VAL B 345 -7.37 16.82 -21.41
C VAL B 345 -7.78 18.23 -21.88
N ARG B 346 -7.63 19.24 -21.01
CA ARG B 346 -7.90 20.63 -21.39
C ARG B 346 -7.08 21.07 -22.61
N THR B 347 -5.79 20.70 -22.59
CA THR B 347 -4.89 21.02 -23.66
C THR B 347 -5.25 20.27 -24.93
N ALA B 348 -5.60 18.99 -24.81
CA ALA B 348 -5.92 18.18 -25.98
C ALA B 348 -7.10 18.76 -26.74
N VAL B 349 -8.19 19.00 -26.01
CA VAL B 349 -9.42 19.48 -26.60
C VAL B 349 -9.22 20.84 -27.28
N ILE B 350 -8.43 21.70 -26.67
CA ILE B 350 -8.21 23.04 -27.21
C ILE B 350 -7.33 22.99 -28.47
N ASN B 351 -6.25 22.21 -28.39
CA ASN B 351 -5.38 22.05 -29.53
C ASN B 351 -6.08 21.33 -30.67
N ALA B 352 -6.89 20.32 -30.33
CA ALA B 352 -7.66 19.59 -31.33
C ALA B 352 -8.70 20.48 -31.98
N ALA B 353 -9.43 21.25 -31.15
CA ALA B 353 -10.46 22.16 -31.65
C ALA B 353 -9.91 23.24 -32.58
N SER B 354 -8.78 23.84 -32.21
CA SER B 354 -8.22 24.93 -32.98
C SER B 354 -7.53 24.46 -34.25
N GLY B 355 -7.33 23.15 -34.38
CA GLY B 355 -6.57 22.59 -35.51
C GLY B 355 -5.05 22.66 -35.33
N ARG B 356 -4.58 23.18 -34.20
CA ARG B 356 -3.15 23.21 -33.90
C ARG B 356 -2.57 21.79 -33.90
N GLN B 357 -3.41 20.83 -33.51
CA GLN B 357 -3.05 19.39 -33.53
C GLN B 357 -4.23 18.59 -34.03
N THR B 358 -3.96 17.43 -34.62
CA THR B 358 -5.01 16.47 -34.95
C THR B 358 -5.46 15.80 -33.65
N VAL B 359 -6.57 15.07 -33.73
CA VAL B 359 -7.06 14.31 -32.60
C VAL B 359 -6.03 13.30 -32.12
N ASP B 360 -5.52 12.44 -33.02
CA ASP B 360 -4.50 11.44 -32.70
C ASP B 360 -3.29 12.03 -31.96
N GLU B 361 -2.71 13.10 -32.50
CA GLU B 361 -1.60 13.81 -31.86
C GLU B 361 -1.97 14.33 -30.46
N ALA B 362 -3.13 14.97 -30.40
CA ALA B 362 -3.61 15.60 -29.17
C ALA B 362 -3.83 14.61 -28.04
N LEU B 363 -4.56 13.53 -28.32
CA LEU B 363 -4.89 12.58 -27.27
C LEU B 363 -3.70 11.72 -26.84
N LYS B 364 -2.71 11.57 -27.73
CA LYS B 364 -1.46 10.91 -27.32
C LYS B 364 -0.63 11.75 -26.33
N ASP B 365 -0.49 13.05 -26.60
CA ASP B 365 0.15 13.96 -25.63
C ASP B 365 -0.58 13.89 -24.29
N ALA B 366 -1.90 14.05 -24.32
CA ALA B 366 -2.70 13.91 -23.10
C ALA B 366 -2.45 12.57 -22.41
N GLN B 367 -2.40 11.51 -23.19
CA GLN B 367 -2.02 10.17 -22.68
C GLN B 367 -0.75 10.24 -21.84
N THR B 368 0.32 10.67 -22.49
CA THR B 368 1.64 10.71 -21.92
C THR B 368 1.69 11.62 -20.68
N ASN B 369 0.98 12.74 -20.74
CA ASN B 369 0.93 13.69 -19.63
C ASN B 369 0.13 13.15 -18.44
N ALA B 370 -1.10 12.69 -18.71
CA ALA B 370 -2.00 12.17 -17.67
C ALA B 370 -1.40 11.00 -16.92
N ALA B 371 -0.67 10.14 -17.63
CA ALA B 371 -0.07 8.97 -17.03
C ALA B 371 1.33 9.23 -16.46
N ALA B 372 1.79 10.48 -16.54
CA ALA B 372 3.16 10.83 -16.06
C ALA B 372 4.24 9.84 -16.53
N GLU B 373 4.23 9.59 -17.83
CA GLU B 373 5.07 8.59 -18.47
C GLU B 373 6.53 9.03 -18.59
N PHE B 374 6.76 10.32 -18.77
CA PHE B 374 8.13 10.84 -18.72
C PHE B 374 8.75 10.53 -17.36
N ALA B 375 8.03 10.90 -16.30
CA ALA B 375 8.45 10.63 -14.92
C ALA B 375 8.61 9.12 -14.68
N ALA B 376 7.74 8.30 -15.28
CA ALA B 376 7.82 6.85 -15.05
C ALA B 376 9.01 6.22 -15.78
N LEU B 377 9.40 6.80 -16.91
CA LEU B 377 10.57 6.37 -17.67
C LEU B 377 11.85 6.75 -16.95
N LEU B 378 11.89 7.99 -16.48
CA LEU B 378 13.07 8.47 -15.74
C LEU B 378 13.26 7.63 -14.49
N HIS B 379 12.16 7.31 -13.82
CA HIS B 379 12.21 6.50 -12.62
C HIS B 379 12.85 5.12 -12.89
N SER B 380 12.46 4.47 -13.98
CA SER B 380 13.05 3.20 -14.37
C SER B 380 14.56 3.28 -14.59
N LEU B 381 14.99 4.36 -15.19
CA LEU B 381 16.40 4.61 -15.36
C LEU B 381 17.11 4.78 -14.00
N LEU B 382 16.49 5.49 -13.07
CA LEU B 382 17.12 5.74 -11.77
C LEU B 382 17.16 4.45 -10.97
N GLU B 383 16.04 3.72 -10.93
CA GLU B 383 16.00 2.37 -10.37
C GLU B 383 17.15 1.51 -10.88
N ALA B 384 17.28 1.40 -12.19
CA ALA B 384 18.35 0.59 -12.79
C ALA B 384 19.74 1.06 -12.37
N ASN B 385 19.96 2.37 -12.41
CA ASN B 385 21.24 2.97 -12.05
C ASN B 385 21.60 2.65 -10.60
N CYS B 386 20.61 2.74 -9.73
CA CYS B 386 20.79 2.52 -8.31
C CYS B 386 21.15 1.06 -7.96
N SER B 387 20.50 0.11 -8.62
CA SER B 387 20.84 -1.31 -8.50
C SER B 387 22.25 -1.63 -8.98
N LEU B 388 22.64 -0.99 -10.09
CA LEU B 388 23.98 -1.18 -10.65
C LEU B 388 25.09 -0.74 -9.70
N ALA B 389 24.96 0.47 -9.17
CA ALA B 389 25.90 1.03 -8.22
C ALA B 389 26.09 0.08 -7.04
N LEU B 390 24.99 -0.51 -6.56
CA LEU B 390 25.06 -1.60 -5.57
C LEU B 390 25.78 -2.86 -6.09
N ALA B 391 25.43 -3.31 -7.28
CA ALA B 391 26.18 -4.40 -7.94
C ALA B 391 27.69 -4.14 -7.95
N GLU B 392 28.11 -2.97 -8.47
CA GLU B 392 29.53 -2.58 -8.53
C GLU B 392 30.25 -2.69 -7.19
N GLU B 393 29.62 -2.16 -6.15
CA GLU B 393 30.21 -2.18 -4.83
C GLU B 393 30.35 -3.60 -4.26
N LEU B 394 29.28 -4.38 -4.32
CA LEU B 394 29.28 -5.75 -3.81
C LEU B 394 30.33 -6.60 -4.47
N LEU B 395 30.53 -6.38 -5.75
CA LEU B 395 31.48 -7.13 -6.55
C LEU B 395 32.91 -6.85 -6.11
N LEU B 396 33.17 -5.61 -5.73
CA LEU B 396 34.51 -5.19 -5.37
C LEU B 396 34.88 -5.55 -3.93
N ASP B 397 33.87 -5.74 -3.06
CA ASP B 397 34.07 -6.23 -1.68
C ASP B 397 35.08 -7.39 -1.60
N PRO B 408 30.24 -5.02 8.33
CA PRO B 408 29.60 -5.86 7.31
C PRO B 408 28.12 -6.06 7.60
N TYR B 409 27.80 -6.22 8.87
CA TYR B 409 26.42 -6.22 9.30
C TYR B 409 25.98 -4.83 9.72
N SER B 410 26.88 -3.85 9.56
CA SER B 410 26.64 -2.47 10.04
C SER B 410 26.26 -1.42 9.00
N TYR B 411 25.99 -1.80 7.76
CA TYR B 411 25.60 -0.82 6.72
C TYR B 411 24.13 -0.45 6.68
N CYS B 412 23.86 0.73 6.16
CA CYS B 412 22.53 1.11 5.73
C CYS B 412 22.47 0.69 4.27
N ASN B 413 21.49 -0.15 3.96
CA ASN B 413 21.31 -0.65 2.62
C ASN B 413 20.81 0.42 1.63
N THR B 414 21.24 0.31 0.39
CA THR B 414 20.87 1.27 -0.65
C THR B 414 19.37 1.43 -0.78
N THR B 415 18.91 2.67 -0.92
CA THR B 415 17.52 2.96 -1.25
C THR B 415 17.45 4.01 -2.33
N LEU B 416 16.35 3.97 -3.05
CA LEU B 416 15.96 5.03 -3.93
C LEU B 416 14.75 5.63 -3.22
N ASP B 417 14.81 6.92 -2.89
CA ASP B 417 13.69 7.60 -2.23
C ASP B 417 12.71 8.20 -3.23
N GLN B 418 11.61 8.76 -2.72
CA GLN B 418 10.48 9.24 -3.57
C GLN B 418 10.84 10.31 -4.57
N ILE B 419 12.01 10.94 -4.40
CA ILE B 419 12.41 12.08 -5.21
C ILE B 419 13.33 11.60 -6.33
N GLY B 420 13.78 10.36 -6.23
CA GLY B 420 14.71 9.79 -7.23
C GLY B 420 16.18 9.77 -6.82
N THR B 421 16.49 10.14 -5.58
CA THR B 421 17.87 10.10 -5.10
C THR B 421 18.25 8.70 -4.62
N CYS B 422 19.34 8.16 -5.17
CA CYS B 422 19.87 6.86 -4.77
C CYS B 422 20.83 7.06 -3.62
N TRP B 423 20.41 6.60 -2.44
CA TRP B 423 21.27 6.60 -1.26
C TRP B 423 22.11 5.34 -1.26
N PRO B 424 23.43 5.47 -1.47
CA PRO B 424 24.25 4.26 -1.55
C PRO B 424 24.40 3.55 -0.20
N ARG B 425 24.77 2.27 -0.26
CA ARG B 425 25.31 1.54 0.88
C ARG B 425 26.23 2.43 1.69
N SER B 426 25.89 2.64 2.96
CA SER B 426 26.65 3.56 3.77
C SER B 426 26.98 3.01 5.16
N ALA B 427 28.04 3.57 5.74
CA ALA B 427 28.51 3.18 7.07
C ALA B 427 27.60 3.74 8.14
N ALA B 428 27.30 2.93 9.16
CA ALA B 428 26.57 3.37 10.35
C ALA B 428 27.25 4.60 10.93
N GLY B 429 26.45 5.65 11.13
CA GLY B 429 26.96 6.93 11.67
C GLY B 429 27.35 7.96 10.61
N ALA B 430 27.27 7.59 9.34
CA ALA B 430 27.69 8.51 8.28
C ALA B 430 26.61 9.54 7.96
N LEU B 431 27.00 10.80 7.82
CA LEU B 431 26.11 11.77 7.23
C LEU B 431 26.39 11.74 5.74
N VAL B 432 25.45 11.23 4.97
CA VAL B 432 25.64 11.09 3.55
C VAL B 432 25.02 12.28 2.81
N GLU B 433 25.67 12.67 1.72
CA GLU B 433 25.16 13.70 0.87
C GLU B 433 25.15 13.25 -0.58
N ARG B 434 24.11 13.63 -1.32
CA ARG B 434 23.98 13.31 -2.73
C ARG B 434 23.50 14.54 -3.49
N PRO B 435 23.97 14.73 -4.73
CA PRO B 435 23.44 15.82 -5.54
C PRO B 435 21.90 15.89 -5.55
N CYS B 436 21.36 17.09 -5.41
CA CYS B 436 19.92 17.32 -5.65
C CYS B 436 19.49 16.74 -7.01
N PRO B 437 18.20 16.42 -7.15
CA PRO B 437 17.80 15.76 -8.40
C PRO B 437 17.88 16.71 -9.60
N GLU B 438 18.26 16.15 -10.74
CA GLU B 438 18.37 16.91 -11.98
C GLU B 438 16.99 17.32 -12.49
N TYR B 439 16.00 16.49 -12.20
CA TYR B 439 14.63 16.75 -12.58
C TYR B 439 13.76 16.11 -11.51
N PHE B 440 12.66 16.77 -11.18
CA PHE B 440 11.64 16.15 -10.35
C PHE B 440 10.25 16.73 -10.60
N ASN B 441 9.33 15.84 -10.96
CA ASN B 441 7.91 16.15 -11.05
C ASN B 441 7.68 17.49 -11.74
N GLY B 442 8.17 17.60 -12.98
CA GLY B 442 8.01 18.81 -13.80
C GLY B 442 9.07 19.89 -13.68
N VAL B 443 9.85 19.85 -12.59
CA VAL B 443 10.80 20.94 -12.31
C VAL B 443 12.25 20.47 -12.27
N LYS B 444 13.13 21.33 -12.79
CA LYS B 444 14.57 21.11 -12.76
C LYS B 444 15.17 21.82 -11.55
N TYR B 445 16.21 21.22 -10.98
CA TYR B 445 16.80 21.74 -9.76
C TYR B 445 18.30 21.95 -9.95
N ASN B 446 18.83 22.94 -9.24
CA ASN B 446 20.27 23.18 -9.18
C ASN B 446 20.97 21.98 -8.55
N THR B 447 21.67 21.20 -9.37
CA THR B 447 22.40 20.00 -8.91
C THR B 447 23.79 20.27 -8.30
N THR B 448 24.12 21.55 -8.09
CA THR B 448 25.42 21.91 -7.52
C THR B 448 25.32 21.89 -6.02
N ARG B 449 24.10 21.67 -5.55
CA ARG B 449 23.79 21.59 -4.13
C ARG B 449 23.32 20.18 -3.83
N ASN B 450 23.32 19.82 -2.56
CA ASN B 450 23.07 18.44 -2.15
C ASN B 450 21.89 18.30 -1.22
N ALA B 451 21.37 17.08 -1.17
CA ALA B 451 20.51 16.65 -0.10
C ALA B 451 21.33 15.85 0.90
N TYR B 452 20.77 15.64 2.08
CA TYR B 452 21.52 15.06 3.18
C TYR B 452 20.67 14.04 3.93
N ARG B 453 21.27 12.87 4.20
CA ARG B 453 20.64 11.83 4.96
C ARG B 453 21.61 11.12 5.89
N GLU B 454 21.19 10.93 7.12
CA GLU B 454 21.97 10.27 8.14
C GLU B 454 21.73 8.74 8.18
N CYS B 455 22.82 7.98 8.17
CA CYS B 455 22.76 6.55 8.42
C CYS B 455 23.01 6.38 9.90
N LEU B 456 21.98 5.99 10.66
CA LEU B 456 22.04 5.99 12.12
C LEU B 456 23.04 4.95 12.65
N GLU B 457 23.43 5.08 13.93
CA GLU B 457 24.40 4.14 14.53
C GLU B 457 23.90 2.68 14.48
N ASN B 458 22.59 2.52 14.48
CA ASN B 458 21.97 1.19 14.45
C ASN B 458 21.76 0.57 13.05
N GLY B 459 22.27 1.21 12.01
CA GLY B 459 22.28 0.60 10.68
C GLY B 459 20.99 0.74 9.90
N THR B 460 20.18 1.70 10.27
CA THR B 460 18.97 2.01 9.55
C THR B 460 19.07 3.47 9.13
N TRP B 461 18.47 3.81 8.00
CA TRP B 461 18.49 5.19 7.53
C TRP B 461 17.59 6.04 8.39
N ALA B 462 18.00 7.28 8.62
CA ALA B 462 17.15 8.26 9.28
C ALA B 462 15.87 8.38 8.46
N SER B 463 14.76 8.61 9.15
CA SER B 463 13.46 8.68 8.50
C SER B 463 13.35 9.90 7.60
N LYS B 464 13.88 11.03 8.06
CA LYS B 464 13.76 12.28 7.32
C LYS B 464 14.99 12.59 6.50
N ILE B 465 14.75 13.11 5.30
CA ILE B 465 15.82 13.53 4.40
C ILE B 465 15.83 15.06 4.27
N ASN B 466 16.98 15.65 4.54
CA ASN B 466 17.13 17.09 4.38
C ASN B 466 17.21 17.46 2.90
N TYR B 467 16.13 18.03 2.37
CA TYR B 467 16.08 18.49 0.98
C TYR B 467 16.03 20.02 0.89
N SER B 468 16.32 20.68 2.00
CA SER B 468 16.14 22.12 2.13
C SER B 468 16.97 22.94 1.15
N GLN B 469 18.09 22.39 0.68
CA GLN B 469 19.03 23.13 -0.19
C GLN B 469 18.73 22.99 -1.67
N CYS B 470 17.77 22.13 -1.99
CA CYS B 470 17.40 21.88 -3.38
C CYS B 470 16.47 22.98 -3.90
N GLU B 471 17.03 23.92 -4.65
CA GLU B 471 16.22 25.00 -5.22
C GLU B 471 15.97 24.81 -6.72
N PRO B 472 14.71 25.07 -7.16
CA PRO B 472 14.30 25.04 -8.56
C PRO B 472 15.08 25.99 -9.46
N ILE B 473 14.98 25.77 -10.76
CA ILE B 473 15.56 26.67 -11.76
C ILE B 473 14.41 27.28 -12.55
N LEU B 474 14.29 28.60 -12.51
CA LEU B 474 13.20 29.31 -13.23
C LEU B 474 13.68 30.49 -14.08
N ASP B 475 12.74 31.37 -14.45
CA ASP B 475 12.94 32.58 -15.31
C ASP B 475 14.29 33.29 -15.22
N ASP B 476 14.91 33.50 -16.39
CA ASP B 476 16.18 34.25 -16.54
C ASP B 476 17.34 33.65 -15.72
N ASN C 1 1.85 28.00 -12.69
CA ASN C 1 2.42 27.16 -13.79
C ASN C 1 3.58 26.33 -13.26
N LEU C 2 4.79 26.74 -13.56
CA LEU C 2 6.00 26.08 -13.08
C LEU C 2 6.44 26.63 -11.72
N ARG C 3 5.86 27.75 -11.30
CA ARG C 3 6.13 28.33 -9.98
C ARG C 3 5.30 27.62 -8.91
N ALA C 4 4.06 27.28 -9.26
CA ALA C 4 3.16 26.49 -8.43
C ALA C 4 3.59 25.02 -8.39
N GLN C 5 4.26 24.57 -9.46
CA GLN C 5 4.80 23.22 -9.50
C GLN C 5 5.98 23.08 -8.55
N ALA C 6 6.92 24.02 -8.66
CA ALA C 6 8.07 24.10 -7.76
C ALA C 6 7.60 24.18 -6.31
N ALA C 7 6.59 25.00 -6.04
CA ALA C 7 6.00 25.13 -4.71
C ALA C 7 5.42 23.81 -4.17
N ALA C 8 4.81 23.01 -5.05
CA ALA C 8 4.21 21.73 -4.66
C ALA C 8 5.29 20.72 -4.28
N ASN C 9 6.39 20.73 -5.03
CA ASN C 9 7.53 19.86 -4.76
C ASN C 9 8.25 20.24 -3.47
N ALA C 10 8.40 21.54 -3.25
CA ALA C 10 9.10 22.08 -2.09
C ALA C 10 8.44 21.58 -0.81
N HIS C 11 7.12 21.50 -0.83
CA HIS C 11 6.35 21.04 0.32
C HIS C 11 6.43 19.54 0.50
N LEU C 12 6.44 18.79 -0.60
CA LEU C 12 6.74 17.37 -0.55
C LEU C 12 8.17 17.12 -0.05
N MET C 13 9.13 17.85 -0.61
CA MET C 13 10.53 17.79 -0.12
C MET C 13 10.66 18.11 1.37
N ALA C 14 9.90 19.09 1.86
CA ALA C 14 9.94 19.45 3.28
C ALA C 14 9.44 18.32 4.20
N GLN C 15 8.39 17.63 3.77
CA GLN C 15 7.78 16.51 4.50
C GLN C 15 8.69 15.27 4.50
N ILE C 16 9.27 14.99 3.33
CA ILE C 16 10.15 13.83 3.13
C ILE C 16 11.54 14.04 3.76
N NH2 C 17 12.11 15.23 3.65
C1 GLC D . 9.59 -22.45 14.84
C2 GLC D . 9.79 -21.18 15.65
C3 GLC D . 10.57 -20.10 14.92
C4 GLC D . 11.81 -20.70 14.27
C5 GLC D . 11.44 -21.90 13.40
C6 GLC D . 12.68 -22.59 12.85
O1 GLC D . 8.65 -22.23 13.83
O2 GLC D . 8.55 -20.63 15.96
O3 GLC D . 10.99 -19.12 15.85
O4 GLC D . 12.43 -19.68 13.49
O5 GLC D . 10.78 -22.86 14.19
O6 GLC D . 12.37 -23.04 11.55
C1 GLC D . 13.53 -19.01 14.07
C2 GLC D . 13.38 -17.51 13.87
C3 GLC D . 13.38 -17.22 12.39
C4 GLC D . 14.67 -17.76 11.76
C5 GLC D . 14.82 -19.25 12.07
C6 GLC D . 16.15 -19.80 11.56
O2 GLC D . 12.19 -17.03 14.45
O3 GLC D . 13.23 -15.85 12.15
O4 GLC D . 14.61 -17.62 10.36
O5 GLC D . 14.72 -19.48 13.48
O6 GLC D . 16.05 -21.20 11.42
C1 GLC E . -18.39 23.73 -12.14
C2 GLC E . -18.28 22.44 -11.32
C3 GLC E . -16.88 21.82 -11.29
C4 GLC E . -16.19 21.87 -12.66
C5 GLC E . -16.31 23.26 -13.29
C6 GLC E . -15.75 23.23 -14.72
O1 GLC E . -17.97 24.85 -11.38
O2 GLC E . -18.70 22.70 -10.00
O3 GLC E . -16.99 20.47 -10.84
O4 GLC E . -14.82 21.53 -12.57
O5 GLC E . -17.68 23.64 -13.37
O6 GLC E . -15.48 24.54 -15.16
C1 GLC E . -14.46 20.19 -12.87
C2 GLC E . -13.48 19.69 -11.81
C3 GLC E . -12.20 20.52 -11.89
C4 GLC E . -11.62 20.46 -13.31
C5 GLC E . -12.69 20.90 -14.33
C6 GLC E . -12.21 20.70 -15.76
O2 GLC E . -14.04 19.83 -10.54
O3 GLC E . -11.28 20.08 -10.92
O4 GLC E . -10.49 21.30 -13.40
O5 GLC E . -13.86 20.12 -14.15
O6 GLC E . -12.87 21.60 -16.63
C1 GOL F . 24.27 -4.68 5.98
O1 GOL F . 25.11 -4.33 7.06
C2 GOL F . 23.41 -5.89 6.34
O2 GOL F . 23.01 -5.93 7.69
C3 GOL F . 22.12 -5.78 5.59
O3 GOL F . 22.46 -6.06 4.27
#